data_4L3A
#
_entry.id   4L3A
#
_cell.length_a   115.340
_cell.length_b   115.340
_cell.length_c   190.710
_cell.angle_alpha   90.00
_cell.angle_beta   90.00
_cell.angle_gamma   120.00
#
_symmetry.space_group_name_H-M   'P 32 1 2'
#
loop_
_entity.id
_entity.type
_entity.pdbx_description
1 polymer 'Internalin K'
2 non-polymer 'MAGNESIUM ION'
3 non-polymer 'SODIUM ION'
4 non-polymer GLYCEROL
5 non-polymer 'POTASSIUM ION'
6 water water
#
_entity_poly.entity_id   1
_entity_poly.type   'polypeptide(L)'
_entity_poly.pdbx_seq_one_letter_code
;MGSSHHHHHHSSGLVPRGSHMASMTGGQQMGRDPVFAAEQPGLKASQDNVNIPDSTFKAYLNGLLGQASTANITEAQMDS
LTYITLANINVTDLTGIEYAHNIKDLTINNIHATNYNQISGLSNLERLRIMGADVTSDKIPNLSGLTNLTLLDLSHSAHD
DSILTKINTLPKVTSIDLSYNGAITDIMPLKTMPELKSLNIQFDGVHDYRGIEDFPKLNTLLAYSQTIGGKKLINSDIKS
SKLTYNAENQTLYVPFSLMTERTVNYDGYVPDFVKSTASSDTYFTMNEQQVNGNRLTITSDGLTVSDVSKTDFDNLEKME
YNARIDLSYQSYNTPEQFQNGGSYTISMPIYDHYFTVDHSLNITADSEKTYIENQLVTEATFLSDIHAKTDDGSTVTSDF
ADKVDFNTPGTYTVTLQSENNAGLKATPVQVNVTIKAKTTITADEKITYKVDTSKTEAAFLADIKATTNDGTAITSDFAT
VVDLSKPGKYVVTLNAENDLQKALPVQVMVIVEKETPIPDPTPTPTPDPTPTPDPSPTPNPVINPNVNKPEVPSYKIPSL
TVNEKKAKAEPSKEAVDKLAAALEHHHHHH
;
_entity_poly.pdbx_strand_id   A,B
#
loop_
_chem_comp.id
_chem_comp.type
_chem_comp.name
_chem_comp.formula
GOL non-polymer GLYCEROL 'C3 H8 O3'
K non-polymer 'POTASSIUM ION' 'K 1'
MG non-polymer 'MAGNESIUM ION' 'Mg 2'
NA non-polymer 'SODIUM ION' 'Na 1'
#
# COMPACT_ATOMS: atom_id res chain seq x y z
N ASP A 48 5.03 35.94 49.96
CA ASP A 48 4.32 35.96 48.66
C ASP A 48 5.11 36.56 47.46
N ASN A 49 6.41 36.30 47.36
CA ASN A 49 7.11 36.64 46.11
C ASN A 49 7.88 35.45 45.59
N VAL A 50 7.68 35.16 44.30
CA VAL A 50 7.83 33.81 43.76
C VAL A 50 9.22 33.46 43.19
N ASN A 51 9.74 32.29 43.56
CA ASN A 51 11.04 31.85 43.07
C ASN A 51 10.95 31.30 41.64
N ILE A 52 11.56 32.01 40.69
CA ILE A 52 11.65 31.59 39.28
C ILE A 52 13.11 31.58 38.79
N PRO A 53 13.90 30.55 39.17
CA PRO A 53 15.33 30.39 38.94
C PRO A 53 15.80 30.57 37.51
N ASP A 54 14.93 30.36 36.52
CA ASP A 54 15.35 30.47 35.12
C ASP A 54 15.20 31.91 34.59
N SER A 55 16.32 32.57 34.29
CA SER A 55 16.29 33.98 33.88
C SER A 55 15.41 34.15 32.62
N THR A 56 15.61 33.26 31.65
CA THR A 56 14.86 33.29 30.41
C THR A 56 13.38 33.04 30.66
N PHE A 57 13.06 32.09 31.55
CA PHE A 57 11.65 31.82 31.91
C PHE A 57 10.99 33.04 32.59
N LYS A 58 11.67 33.62 33.55
CA LYS A 58 11.14 34.80 34.26
C LYS A 58 11.02 36.00 33.32
N ALA A 59 12.08 36.24 32.51
CA ALA A 59 12.09 37.24 31.45
C ALA A 59 10.80 37.18 30.65
N TYR A 60 10.46 35.98 30.18
CA TYR A 60 9.21 35.73 29.46
C TYR A 60 8.00 36.26 30.23
N LEU A 61 7.88 35.82 31.50
CA LEU A 61 6.73 36.13 32.35
C LEU A 61 6.61 37.64 32.64
N ASN A 62 7.76 38.30 32.78
CA ASN A 62 7.74 39.72 33.03
C ASN A 62 7.22 40.49 31.82
N GLY A 63 7.55 40.00 30.62
CA GLY A 63 6.97 40.53 29.40
C GLY A 63 5.45 40.44 29.40
N LEU A 64 4.90 39.42 30.06
CA LEU A 64 3.44 39.28 30.17
C LEU A 64 2.83 40.31 31.11
N LEU A 65 3.56 40.64 32.17
CA LEU A 65 3.09 41.57 33.21
C LEU A 65 3.48 43.02 32.93
N GLY A 66 4.20 43.24 31.83
CA GLY A 66 4.69 44.57 31.46
C GLY A 66 5.77 45.14 32.37
N GLN A 67 6.43 44.28 33.15
CA GLN A 67 7.51 44.67 34.04
C GLN A 67 8.85 44.49 33.32
N ALA A 68 9.95 44.96 33.93
CA ALA A 68 11.32 44.73 33.44
C ALA A 68 11.66 43.23 33.44
N SER A 69 12.60 42.80 32.61
CA SER A 69 12.86 41.37 32.41
C SER A 69 13.34 40.68 33.69
N THR A 70 13.91 41.46 34.60
CA THR A 70 14.52 40.94 35.81
C THR A 70 13.71 41.20 37.09
N ALA A 71 12.51 41.76 36.92
CA ALA A 71 11.58 42.14 37.99
C ALA A 71 11.12 40.98 38.84
N ASN A 72 10.74 41.24 40.08
CA ASN A 72 10.13 40.23 40.93
C ASN A 72 8.65 39.95 40.62
N ILE A 73 8.21 38.73 40.97
CA ILE A 73 6.85 38.28 40.69
C ILE A 73 6.16 37.62 41.88
N THR A 74 4.87 37.90 41.99
CA THR A 74 4.05 37.77 43.19
C THR A 74 3.00 36.71 43.08
N GLU A 75 2.88 35.84 44.07
CA GLU A 75 1.82 34.83 44.04
C GLU A 75 0.48 35.37 43.50
N ALA A 76 0.23 36.65 43.71
CA ALA A 76 -0.96 37.30 43.18
C ALA A 76 -0.77 37.61 41.70
N GLN A 77 0.46 37.95 41.31
CA GLN A 77 0.77 38.22 39.90
C GLN A 77 0.70 36.96 39.03
N MET A 78 1.12 35.83 39.60
CA MET A 78 1.06 34.54 38.93
C MET A 78 -0.38 34.16 38.66
N ASP A 79 -1.23 34.40 39.65
CA ASP A 79 -2.66 34.05 39.58
C ASP A 79 -3.47 34.87 38.57
N SER A 80 -2.91 35.97 38.09
CA SER A 80 -3.59 36.79 37.08
C SER A 80 -3.42 36.20 35.70
N LEU A 81 -2.36 35.40 35.53
CA LEU A 81 -1.97 34.80 34.24
C LEU A 81 -2.99 33.84 33.66
N THR A 82 -3.40 34.09 32.42
CA THR A 82 -4.40 33.26 31.74
C THR A 82 -3.77 32.21 30.81
N TYR A 83 -2.54 32.48 30.35
CA TYR A 83 -1.80 31.56 29.49
C TYR A 83 -0.29 31.71 29.64
N ILE A 84 0.45 30.67 29.29
CA ILE A 84 1.91 30.72 29.20
C ILE A 84 2.29 29.99 27.92
N THR A 85 3.08 30.65 27.07
CA THR A 85 3.50 30.10 25.78
C THR A 85 5.00 30.22 25.61
N LEU A 86 5.70 29.14 25.83
CA LEU A 86 7.14 29.19 25.63
C LEU A 86 7.51 28.47 24.35
N ALA A 87 8.08 29.21 23.41
CA ALA A 87 8.46 28.61 22.14
C ALA A 87 9.83 29.06 21.67
N ASN A 88 10.70 28.10 21.39
CA ASN A 88 11.98 28.35 20.73
C ASN A 88 12.87 29.32 21.47
N ILE A 89 12.88 29.14 22.80
CA ILE A 89 13.72 29.87 23.75
C ILE A 89 14.34 28.78 24.63
N ASN A 90 15.59 28.92 25.06
CA ASN A 90 16.21 27.89 25.91
C ASN A 90 15.89 27.99 27.39
N VAL A 91 14.78 27.39 27.78
CA VAL A 91 14.33 27.36 29.16
C VAL A 91 14.57 25.97 29.73
N THR A 92 15.42 25.87 30.76
CA THR A 92 15.85 24.58 31.31
C THR A 92 15.18 24.11 32.62
N ASP A 93 14.49 25.01 33.30
CA ASP A 93 13.70 24.61 34.49
C ASP A 93 12.43 25.47 34.67
N LEU A 94 11.33 24.81 34.99
CA LEU A 94 10.00 25.43 34.94
C LEU A 94 9.41 25.89 36.28
N THR A 95 10.25 25.94 37.29
CA THR A 95 9.75 26.14 38.63
C THR A 95 9.08 27.50 38.73
N GLY A 96 7.99 27.53 39.49
CA GLY A 96 7.24 28.75 39.79
C GLY A 96 5.96 28.68 39.00
N ILE A 97 6.02 27.88 37.95
CA ILE A 97 4.84 27.56 37.21
C ILE A 97 3.88 26.96 38.21
N GLU A 98 4.42 26.03 39.03
CA GLU A 98 3.61 25.28 39.98
C GLU A 98 2.78 26.36 40.52
N TYR A 99 3.23 27.58 40.30
CA TYR A 99 2.50 28.71 40.79
C TYR A 99 1.29 29.28 40.07
N ALA A 100 1.25 29.24 38.73
CA ALA A 100 0.14 29.83 37.99
C ALA A 100 -1.12 28.97 38.08
N HIS A 101 -2.02 29.32 38.99
CA HIS A 101 -3.19 28.48 39.30
C HIS A 101 -4.35 28.81 38.41
N ASN A 102 -4.15 29.72 37.48
CA ASN A 102 -5.29 30.23 36.75
C ASN A 102 -5.16 30.16 35.24
N ILE A 103 -4.07 29.57 34.75
CA ILE A 103 -3.92 29.41 33.31
C ILE A 103 -4.81 28.30 32.81
N LYS A 104 -5.42 28.54 31.66
CA LYS A 104 -6.20 27.53 30.96
C LYS A 104 -5.48 27.00 29.71
N ASP A 105 -4.30 27.58 29.42
CA ASP A 105 -3.53 27.27 28.22
C ASP A 105 -2.04 27.24 28.54
N LEU A 106 -1.46 26.05 28.50
CA LEU A 106 -0.01 25.94 28.52
C LEU A 106 0.49 25.38 27.18
N THR A 107 1.37 26.13 26.53
CA THR A 107 1.84 25.82 25.18
C THR A 107 3.37 25.86 25.18
N ILE A 108 4.03 24.71 25.04
CA ILE A 108 5.49 24.69 25.05
C ILE A 108 6.08 23.97 23.84
N ASN A 109 6.94 24.69 23.10
CA ASN A 109 7.57 24.12 21.92
C ASN A 109 9.08 24.34 21.89
N ASN A 110 9.84 23.23 21.94
CA ASN A 110 11.28 23.26 21.69
C ASN A 110 12.08 24.10 22.69
N ILE A 111 12.02 23.77 23.97
CA ILE A 111 12.71 24.61 24.94
C ILE A 111 13.85 23.90 25.65
N HIS A 112 13.95 22.59 25.39
CA HIS A 112 15.03 21.75 25.96
C HIS A 112 15.03 21.76 27.48
N ALA A 113 13.85 21.75 28.05
CA ALA A 113 13.67 21.57 29.48
C ALA A 113 14.16 20.19 29.96
N THR A 114 14.68 20.15 31.17
CA THR A 114 15.18 18.90 31.72
C THR A 114 14.06 17.92 31.98
N ASN A 115 12.98 18.41 32.59
CA ASN A 115 11.78 17.63 32.78
C ASN A 115 10.59 18.58 32.82
N TYR A 116 9.40 18.09 33.13
CA TYR A 116 8.20 18.92 33.07
C TYR A 116 7.35 18.76 34.34
N ASN A 117 7.94 18.08 35.32
CA ASN A 117 7.28 17.69 36.60
C ASN A 117 6.32 18.70 37.21
N GLN A 118 6.75 19.97 37.19
CA GLN A 118 6.12 21.03 37.95
C GLN A 118 4.70 21.34 37.49
N ILE A 119 4.22 20.63 36.48
CA ILE A 119 2.85 20.88 36.01
C ILE A 119 1.81 19.92 36.55
N SER A 120 2.27 18.95 37.32
CA SER A 120 1.44 17.83 37.77
C SER A 120 0.06 18.16 38.40
N GLY A 121 -0.11 19.34 39.00
CA GLY A 121 -1.40 19.72 39.62
C GLY A 121 -2.05 21.05 39.26
N LEU A 122 -1.96 21.48 38.01
CA LEU A 122 -2.68 22.66 37.59
C LEU A 122 -4.11 22.34 37.26
N SER A 123 -4.89 22.05 38.30
CA SER A 123 -6.31 21.66 38.19
C SER A 123 -7.17 22.39 37.17
N ASN A 124 -6.90 23.69 36.94
CA ASN A 124 -7.76 24.54 36.11
C ASN A 124 -7.30 24.73 34.65
N LEU A 125 -6.22 24.03 34.31
CA LEU A 125 -5.68 23.98 32.94
C LEU A 125 -6.64 23.23 32.02
N GLU A 126 -7.00 23.85 30.91
CA GLU A 126 -7.93 23.21 29.97
C GLU A 126 -7.23 22.53 28.77
N ARG A 127 -6.16 23.16 28.27
CA ARG A 127 -5.44 22.75 27.05
C ARG A 127 -3.93 22.75 27.20
N LEU A 128 -3.33 21.57 27.13
CA LEU A 128 -1.86 21.42 27.20
C LEU A 128 -1.16 20.91 25.92
N ARG A 129 -0.05 21.57 25.56
CA ARG A 129 0.75 21.25 24.37
C ARG A 129 2.23 21.30 24.69
N ILE A 130 2.92 20.19 24.53
CA ILE A 130 4.37 20.14 24.73
C ILE A 130 5.03 19.38 23.57
N MET A 131 5.82 20.07 22.75
CA MET A 131 6.49 19.42 21.62
C MET A 131 8.01 19.66 21.65
N GLY A 132 8.79 18.64 21.37
CA GLY A 132 10.23 18.83 21.15
C GLY A 132 10.87 17.51 20.82
N ALA A 133 11.86 17.52 19.94
CA ALA A 133 12.55 16.27 19.53
C ALA A 133 13.26 15.58 20.70
N ASP A 134 13.44 16.31 21.80
CA ASP A 134 14.11 15.76 22.99
C ASP A 134 13.17 15.38 24.15
N VAL A 135 11.88 15.69 24.00
CA VAL A 135 10.92 15.42 25.05
C VAL A 135 10.66 13.93 25.09
N THR A 136 11.49 13.22 25.83
CA THR A 136 11.29 11.78 26.08
C THR A 136 10.20 11.54 27.13
N SER A 137 9.69 10.31 27.18
CA SER A 137 8.55 10.01 28.02
C SER A 137 8.78 10.21 29.54
N ASP A 138 10.00 9.96 30.00
CA ASP A 138 10.30 10.14 31.41
C ASP A 138 10.16 11.58 31.90
N LYS A 139 10.37 12.55 31.03
CA LYS A 139 10.34 13.95 31.44
C LYS A 139 8.93 14.42 31.79
N ILE A 140 7.92 13.62 31.50
CA ILE A 140 6.59 14.04 31.84
C ILE A 140 6.18 13.30 33.10
N PRO A 141 5.69 14.04 34.12
CA PRO A 141 5.14 13.42 35.31
C PRO A 141 3.80 12.75 35.00
N ASN A 142 3.26 11.98 35.94
CA ASN A 142 1.89 11.52 35.84
C ASN A 142 0.90 12.69 35.86
N LEU A 143 -0.14 12.59 35.02
CA LEU A 143 -0.98 13.76 34.75
C LEU A 143 -2.37 13.67 35.33
N SER A 144 -2.60 12.71 36.22
CA SER A 144 -3.92 12.49 36.82
C SER A 144 -4.57 13.69 37.55
N GLY A 145 -3.74 14.65 37.97
CA GLY A 145 -4.21 15.87 38.62
C GLY A 145 -5.00 16.77 37.69
N LEU A 146 -4.63 16.75 36.42
CA LEU A 146 -5.15 17.71 35.44
C LEU A 146 -6.64 17.52 35.14
N THR A 147 -7.48 17.78 36.12
CA THR A 147 -8.86 17.31 36.07
C THR A 147 -9.82 18.08 35.14
N ASN A 148 -9.37 19.23 34.63
CA ASN A 148 -10.20 20.01 33.70
C ASN A 148 -9.62 20.11 32.30
N LEU A 149 -8.60 19.27 32.06
CA LEU A 149 -7.92 19.21 30.80
C LEU A 149 -8.78 18.52 29.77
N THR A 150 -9.08 19.19 28.68
CA THR A 150 -9.87 18.60 27.59
C THR A 150 -8.96 18.25 26.40
N LEU A 151 -7.82 18.92 26.32
CA LEU A 151 -6.97 18.83 25.15
C LEU A 151 -5.53 18.53 25.54
N LEU A 152 -4.95 17.57 24.86
CA LEU A 152 -3.59 17.15 25.13
C LEU A 152 -2.87 16.89 23.79
N ASP A 153 -1.76 17.61 23.57
CA ASP A 153 -0.97 17.46 22.35
C ASP A 153 0.47 17.28 22.74
N LEU A 154 0.97 16.07 22.58
CA LEU A 154 2.38 15.81 22.82
C LEU A 154 3.04 15.38 21.52
N SER A 155 2.60 16.00 20.42
CA SER A 155 3.11 15.66 19.09
C SER A 155 4.60 15.96 18.88
N HIS A 156 5.18 15.42 17.82
CA HIS A 156 6.55 15.71 17.40
C HIS A 156 7.55 15.53 18.51
N SER A 157 7.43 14.45 19.28
CA SER A 157 8.37 14.25 20.39
C SER A 157 9.17 12.93 20.30
N ALA A 158 9.65 12.40 21.42
CA ALA A 158 10.39 11.15 21.43
C ALA A 158 9.83 10.14 22.44
N HIS A 159 8.51 10.23 22.66
CA HIS A 159 7.80 9.37 23.61
C HIS A 159 7.83 7.94 23.24
N ASP A 160 7.81 7.06 24.22
CA ASP A 160 7.58 5.63 24.01
C ASP A 160 6.28 5.24 24.72
N ASP A 161 6.06 3.93 24.89
CA ASP A 161 4.78 3.44 25.37
C ASP A 161 4.49 3.77 26.82
N SER A 162 5.55 4.03 27.58
CA SER A 162 5.40 4.41 28.98
C SER A 162 4.71 5.77 29.19
N ILE A 163 4.28 6.44 28.13
CA ILE A 163 3.66 7.76 28.29
C ILE A 163 2.20 7.57 28.55
N LEU A 164 1.71 6.40 28.16
CA LEU A 164 0.29 6.15 28.13
C LEU A 164 -0.23 6.00 29.55
N THR A 165 0.52 5.25 30.35
CA THR A 165 0.17 5.05 31.74
C THR A 165 0.32 6.33 32.59
N LYS A 166 0.81 7.39 31.98
CA LYS A 166 0.80 8.66 32.65
C LYS A 166 -0.39 9.50 32.25
N ILE A 167 -1.09 9.13 31.19
CA ILE A 167 -2.10 10.04 30.62
C ILE A 167 -3.46 9.40 30.55
N ASN A 168 -3.53 8.09 30.80
CA ASN A 168 -4.79 7.35 30.80
C ASN A 168 -5.62 7.49 32.07
N THR A 169 -5.22 8.40 32.96
CA THR A 169 -5.90 8.70 34.22
C THR A 169 -6.49 10.11 34.18
N LEU A 170 -6.59 10.66 32.97
CA LEU A 170 -7.16 11.97 32.74
C LEU A 170 -8.67 11.92 32.54
N PRO A 171 -9.42 12.65 33.37
CA PRO A 171 -10.86 12.55 33.49
C PRO A 171 -11.66 13.19 32.39
N LYS A 172 -11.19 14.30 31.84
CA LYS A 172 -12.04 15.01 30.89
C LYS A 172 -11.44 15.29 29.51
N VAL A 173 -10.34 14.62 29.19
CA VAL A 173 -9.61 14.80 27.93
C VAL A 173 -10.46 14.28 26.78
N THR A 174 -10.83 15.17 25.87
CA THR A 174 -11.64 14.77 24.73
C THR A 174 -10.73 14.32 23.59
N SER A 175 -9.56 14.97 23.43
CA SER A 175 -8.64 14.73 22.32
C SER A 175 -7.16 14.63 22.68
N ILE A 176 -6.46 13.73 21.99
CA ILE A 176 -5.03 13.54 22.16
C ILE A 176 -4.37 13.57 20.78
N ASP A 177 -3.20 14.21 20.72
CA ASP A 177 -2.38 14.16 19.54
C ASP A 177 -1.03 13.60 19.94
N LEU A 178 -0.76 12.36 19.56
CA LEU A 178 0.55 11.78 19.80
C LEU A 178 1.24 11.52 18.49
N SER A 179 0.73 12.26 17.50
CA SER A 179 1.23 12.31 16.15
C SER A 179 2.73 12.55 16.15
N TYR A 180 3.43 11.91 15.22
CA TYR A 180 4.88 12.07 15.07
C TYR A 180 5.73 11.60 16.24
N ASN A 181 5.31 10.53 16.92
CA ASN A 181 6.12 9.88 17.92
C ASN A 181 6.43 8.46 17.48
N GLY A 182 7.61 8.27 16.91
CA GLY A 182 7.96 6.99 16.26
C GLY A 182 8.10 5.78 17.16
N ALA A 183 8.07 5.99 18.46
CA ALA A 183 8.45 4.91 19.33
C ALA A 183 7.20 4.47 20.08
N ILE A 184 6.10 5.19 19.82
CA ILE A 184 4.80 4.78 20.29
C ILE A 184 4.28 3.63 19.42
N THR A 185 4.13 2.45 20.01
CA THR A 185 3.92 1.24 19.21
C THR A 185 2.63 0.54 19.51
N ASP A 186 1.97 0.90 20.60
CA ASP A 186 0.72 0.24 20.93
C ASP A 186 -0.07 1.18 21.78
N ILE A 187 -1.28 1.45 21.34
CA ILE A 187 -2.13 2.45 21.97
C ILE A 187 -3.26 1.86 22.80
N MET A 188 -3.24 0.55 23.03
CA MET A 188 -4.37 -0.09 23.70
C MET A 188 -4.63 0.34 25.14
N PRO A 189 -3.57 0.68 25.93
CA PRO A 189 -3.80 1.20 27.28
C PRO A 189 -4.70 2.42 27.38
N LEU A 190 -4.80 3.19 26.33
CA LEU A 190 -5.75 4.32 26.34
C LEU A 190 -7.24 3.93 26.29
N LYS A 191 -7.56 2.63 26.29
CA LYS A 191 -8.98 2.19 26.26
C LYS A 191 -9.79 2.56 27.52
N THR A 192 -9.09 2.73 28.64
CA THR A 192 -9.70 3.04 29.92
C THR A 192 -10.14 4.52 30.12
N MET A 193 -9.61 5.46 29.32
CA MET A 193 -10.00 6.88 29.43
C MET A 193 -11.47 7.12 29.07
N PRO A 194 -12.22 7.80 29.95
CA PRO A 194 -13.68 7.94 29.85
C PRO A 194 -14.18 8.80 28.69
N GLU A 195 -13.54 9.94 28.46
CA GLU A 195 -14.11 10.91 27.52
C GLU A 195 -13.41 11.03 26.16
N LEU A 196 -12.33 10.26 25.95
CA LEU A 196 -11.54 10.34 24.70
C LEU A 196 -12.39 10.15 23.44
N LYS A 197 -12.40 11.16 22.58
CA LYS A 197 -13.19 11.11 21.35
C LYS A 197 -12.32 11.05 20.10
N SER A 198 -11.24 11.84 20.11
CA SER A 198 -10.33 11.96 18.99
C SER A 198 -8.89 11.56 19.34
N LEU A 199 -8.28 10.69 18.54
CA LEU A 199 -6.87 10.29 18.73
C LEU A 199 -5.99 10.36 17.47
N ASN A 200 -4.93 11.17 17.50
CA ASN A 200 -3.95 11.22 16.40
C ASN A 200 -2.67 10.45 16.70
N ILE A 201 -2.42 9.42 15.90
CA ILE A 201 -1.13 8.76 16.00
C ILE A 201 -0.38 8.72 14.66
N GLN A 202 -0.56 9.74 13.84
CA GLN A 202 0.06 9.78 12.54
C GLN A 202 1.55 9.65 12.69
N PHE A 203 2.10 8.72 11.91
CA PHE A 203 3.52 8.47 11.76
C PHE A 203 4.18 7.87 12.96
N ASP A 204 3.68 6.74 13.44
CA ASP A 204 3.93 6.30 14.78
C ASP A 204 4.35 4.85 15.00
N GLY A 205 4.47 4.02 13.99
CA GLY A 205 4.81 2.63 14.36
C GLY A 205 3.94 1.69 15.21
N VAL A 206 2.64 2.00 15.31
CA VAL A 206 1.60 1.04 15.80
C VAL A 206 1.28 -0.02 14.73
N HIS A 207 0.96 -1.25 15.16
CA HIS A 207 0.69 -2.32 14.22
C HIS A 207 -0.56 -3.11 14.48
N ASP A 208 -1.12 -2.96 15.68
CA ASP A 208 -2.22 -3.83 16.02
C ASP A 208 -3.43 -3.06 16.49
N TYR A 209 -4.52 -3.19 15.76
CA TYR A 209 -5.72 -2.44 16.10
C TYR A 209 -6.78 -3.29 16.80
N ARG A 210 -6.42 -4.48 17.24
CA ARG A 210 -7.38 -5.31 17.91
C ARG A 210 -7.57 -4.82 19.34
N GLY A 211 -8.78 -4.40 19.64
CA GLY A 211 -9.08 -3.84 20.93
C GLY A 211 -9.86 -2.57 20.76
N ILE A 212 -9.76 -1.94 19.60
CA ILE A 212 -10.19 -0.54 19.46
C ILE A 212 -11.64 -0.33 19.88
N GLU A 213 -12.49 -1.29 19.58
CA GLU A 213 -13.89 -1.16 19.96
C GLU A 213 -14.07 -1.04 21.48
N ASP A 214 -13.11 -1.51 22.27
CA ASP A 214 -13.04 -1.20 23.70
C ASP A 214 -13.07 0.29 24.06
N PHE A 215 -12.56 1.15 23.20
CA PHE A 215 -12.65 2.57 23.45
C PHE A 215 -14.12 2.95 23.61
N PRO A 216 -14.47 3.56 24.77
CA PRO A 216 -15.81 3.96 25.15
C PRO A 216 -16.41 5.00 24.26
N LYS A 217 -15.64 6.00 23.85
CA LYS A 217 -16.26 7.13 23.16
C LYS A 217 -15.56 7.56 21.87
N LEU A 218 -14.52 6.82 21.49
CA LEU A 218 -13.71 7.17 20.32
C LEU A 218 -14.47 7.13 18.99
N ASN A 219 -14.40 8.23 18.26
CA ASN A 219 -14.96 8.24 16.92
C ASN A 219 -13.97 8.76 15.88
N THR A 220 -12.79 9.15 16.33
CA THR A 220 -11.75 9.52 15.39
C THR A 220 -10.41 8.95 15.76
N LEU A 221 -9.91 8.07 14.87
CA LEU A 221 -8.55 7.58 14.89
C LEU A 221 -7.84 8.06 13.63
N LEU A 222 -6.80 8.88 13.80
CA LEU A 222 -5.96 9.28 12.66
C LEU A 222 -4.63 8.56 12.72
N ALA A 223 -4.48 7.52 11.90
CA ALA A 223 -3.38 6.62 12.12
C ALA A 223 -2.61 6.26 10.85
N TYR A 224 -2.63 7.18 9.89
CA TYR A 224 -2.06 6.87 8.61
C TYR A 224 -0.57 6.95 8.70
N SER A 225 0.08 6.24 7.79
CA SER A 225 1.53 6.11 7.64
C SER A 225 2.34 5.70 8.88
N GLN A 226 1.94 4.65 9.59
CA GLN A 226 2.77 4.13 10.66
C GLN A 226 4.05 3.63 10.07
N THR A 227 5.15 3.72 10.83
CA THR A 227 6.37 3.05 10.40
C THR A 227 6.73 2.03 11.46
N ILE A 228 6.16 0.84 11.29
CA ILE A 228 6.35 -0.29 12.19
C ILE A 228 7.82 -0.69 12.17
N GLY A 229 8.45 -0.66 13.34
CA GLY A 229 9.88 -0.98 13.47
C GLY A 229 10.82 0.18 13.17
N GLY A 230 10.25 1.38 13.07
CA GLY A 230 11.03 2.57 12.80
C GLY A 230 11.86 3.07 13.97
N LYS A 231 11.32 3.04 15.20
CA LYS A 231 12.13 3.47 16.34
C LYS A 231 12.52 2.32 17.25
N LYS A 232 11.50 1.57 17.64
CA LYS A 232 11.65 0.39 18.49
C LYS A 232 11.85 -0.77 17.52
N LEU A 233 13.11 -1.00 17.16
CA LEU A 233 13.48 -1.98 16.14
C LEU A 233 12.95 -3.40 16.34
N ILE A 234 12.77 -4.10 15.22
CA ILE A 234 12.29 -5.47 15.22
C ILE A 234 13.41 -6.30 14.65
N ASN A 235 13.81 -7.29 15.44
CA ASN A 235 14.84 -8.21 15.02
C ASN A 235 14.49 -9.64 15.36
N SER A 236 14.89 -10.57 14.50
CA SER A 236 14.72 -12.00 14.72
C SER A 236 16.02 -12.69 14.39
N ASP A 237 16.37 -13.67 15.22
CA ASP A 237 17.48 -14.57 14.94
C ASP A 237 16.89 -15.90 14.42
N ILE A 238 17.28 -16.37 13.24
CA ILE A 238 16.60 -17.52 12.63
C ILE A 238 17.50 -18.57 11.95
N LYS A 239 17.06 -19.85 12.03
CA LYS A 239 17.68 -21.01 11.34
C LYS A 239 17.45 -20.92 9.85
N SER A 240 18.49 -21.15 9.05
CA SER A 240 18.33 -21.11 7.59
C SER A 240 17.28 -22.10 7.06
N SER A 241 16.94 -23.10 7.88
CA SER A 241 15.94 -24.09 7.50
C SER A 241 14.57 -23.42 7.23
N LYS A 242 14.33 -22.33 7.96
CA LYS A 242 13.14 -21.50 7.79
C LYS A 242 13.02 -20.81 6.41
N LEU A 243 14.13 -20.73 5.68
CA LEU A 243 14.19 -20.23 4.30
C LEU A 243 14.20 -21.38 3.28
N THR A 244 14.20 -21.07 1.99
CA THR A 244 14.26 -22.09 0.95
C THR A 244 15.22 -21.75 -0.19
N TYR A 245 16.24 -22.58 -0.34
CA TYR A 245 17.13 -22.44 -1.47
C TYR A 245 16.90 -23.53 -2.51
N ASN A 246 16.60 -23.12 -3.74
CA ASN A 246 16.48 -24.05 -4.87
C ASN A 246 17.70 -23.84 -5.74
N ALA A 247 18.60 -24.83 -5.80
CA ALA A 247 19.85 -24.68 -6.59
C ALA A 247 19.69 -24.79 -8.11
N GLU A 248 18.65 -25.51 -8.53
CA GLU A 248 18.32 -25.60 -9.95
C GLU A 248 17.79 -24.28 -10.55
N ASN A 249 17.13 -23.45 -9.75
CA ASN A 249 16.69 -22.12 -10.21
C ASN A 249 17.59 -21.04 -9.69
N GLN A 250 18.40 -21.40 -8.70
CA GLN A 250 19.29 -20.46 -8.03
C GLN A 250 18.48 -19.32 -7.40
N THR A 251 17.42 -19.71 -6.69
CA THR A 251 16.48 -18.75 -6.15
C THR A 251 16.49 -18.89 -4.67
N LEU A 252 16.31 -17.75 -4.00
CA LEU A 252 16.10 -17.72 -2.57
C LEU A 252 14.67 -17.28 -2.29
N TYR A 253 14.00 -18.08 -1.47
CA TYR A 253 12.66 -17.72 -1.04
C TYR A 253 12.66 -17.37 0.44
N VAL A 254 11.95 -16.29 0.77
CA VAL A 254 11.74 -15.83 2.14
C VAL A 254 10.23 -15.69 2.39
N PRO A 255 9.70 -16.58 3.25
CA PRO A 255 8.31 -16.68 3.69
C PRO A 255 7.83 -15.47 4.51
N PHE A 256 6.73 -14.83 4.10
CA PHE A 256 6.22 -13.66 4.83
C PHE A 256 5.66 -13.98 6.22
N SER A 257 5.58 -15.28 6.51
CA SER A 257 5.19 -15.73 7.80
C SER A 257 6.18 -15.30 8.91
N LEU A 258 7.42 -14.97 8.54
CA LEU A 258 8.38 -14.43 9.50
C LEU A 258 8.11 -12.97 9.96
N MET A 259 7.23 -12.26 9.26
CA MET A 259 7.03 -10.83 9.51
C MET A 259 5.96 -10.65 10.57
N THR A 260 6.33 -11.05 11.77
CA THR A 260 5.39 -11.33 12.84
C THR A 260 4.78 -10.10 13.50
N GLU A 261 5.33 -8.91 13.22
CA GLU A 261 4.76 -7.65 13.73
C GLU A 261 4.00 -6.83 12.69
N ARG A 262 3.59 -7.48 11.60
CA ARG A 262 2.82 -6.81 10.55
C ARG A 262 1.46 -6.26 11.01
N THR A 263 0.95 -5.27 10.28
CA THR A 263 -0.36 -4.71 10.56
C THR A 263 -1.43 -5.75 10.63
N VAL A 264 -2.20 -5.72 11.71
CA VAL A 264 -3.48 -6.45 11.79
C VAL A 264 -4.61 -5.45 12.08
N ASN A 265 -5.58 -5.34 11.16
CA ASN A 265 -6.75 -4.53 11.41
C ASN A 265 -7.58 -5.11 12.54
N TYR A 266 -8.50 -4.29 13.08
CA TYR A 266 -9.26 -4.65 14.29
C TYR A 266 -10.11 -5.88 14.16
N ASP A 267 -10.58 -6.15 12.96
CA ASP A 267 -11.36 -7.32 12.71
C ASP A 267 -10.57 -8.58 12.41
N GLY A 268 -9.25 -8.57 12.51
CA GLY A 268 -8.44 -9.77 12.20
C GLY A 268 -7.78 -9.81 10.81
N TYR A 269 -8.22 -8.90 9.94
CA TYR A 269 -7.73 -8.76 8.59
C TYR A 269 -6.26 -8.47 8.57
N VAL A 270 -5.52 -9.30 7.82
CA VAL A 270 -4.10 -9.06 7.66
C VAL A 270 -3.67 -8.70 6.21
N PRO A 271 -3.64 -7.38 5.89
CA PRO A 271 -3.24 -6.83 4.59
C PRO A 271 -1.88 -7.37 4.10
N ASP A 272 -1.65 -7.26 2.80
CA ASP A 272 -0.48 -7.83 2.18
C ASP A 272 0.57 -6.77 2.05
N PHE A 273 1.83 -7.20 1.99
CA PHE A 273 2.89 -6.30 1.57
C PHE A 273 2.69 -5.94 0.11
N VAL A 274 3.03 -4.73 -0.27
CA VAL A 274 2.96 -4.36 -1.69
C VAL A 274 3.83 -5.29 -2.54
N LYS A 275 3.53 -5.39 -3.83
CA LYS A 275 4.28 -6.26 -4.71
C LYS A 275 5.26 -5.47 -5.60
N SER A 276 5.31 -4.15 -5.44
CA SER A 276 6.25 -3.35 -6.21
C SER A 276 7.68 -3.64 -5.76
N THR A 277 8.59 -3.70 -6.73
CA THR A 277 9.99 -3.92 -6.44
C THR A 277 10.76 -2.60 -6.63
N ALA A 278 10.06 -1.46 -6.60
CA ALA A 278 10.70 -0.14 -6.61
C ALA A 278 11.28 0.14 -5.25
N SER A 279 12.43 0.82 -5.20
CA SER A 279 13.11 1.08 -3.94
C SER A 279 12.22 1.76 -2.90
N SER A 280 11.31 2.60 -3.36
CA SER A 280 10.44 3.29 -2.42
C SER A 280 9.44 2.34 -1.79
N ASP A 281 9.12 1.25 -2.51
CA ASP A 281 8.13 0.29 -2.08
C ASP A 281 8.73 -0.91 -1.34
N THR A 282 9.79 -1.46 -1.90
CA THR A 282 10.49 -2.54 -1.21
C THR A 282 11.97 -2.24 -1.19
N TYR A 283 12.54 -2.41 0.00
CA TYR A 283 13.93 -2.24 0.20
C TYR A 283 14.41 -3.51 0.88
N PHE A 284 15.00 -4.41 0.09
CA PHE A 284 15.44 -5.71 0.61
C PHE A 284 16.94 -5.88 0.55
N THR A 285 17.48 -6.40 1.64
CA THR A 285 18.91 -6.41 1.88
C THR A 285 19.48 -7.75 2.23
N MET A 286 20.57 -8.12 1.59
CA MET A 286 21.30 -9.31 1.99
C MET A 286 22.71 -8.95 2.43
N ASN A 287 23.09 -9.30 3.64
CA ASN A 287 24.38 -8.83 4.18
C ASN A 287 24.58 -7.32 3.92
N GLU A 288 23.59 -6.53 4.34
CA GLU A 288 23.63 -5.07 4.26
C GLU A 288 23.78 -4.50 2.85
N GLN A 289 23.72 -5.39 1.84
CA GLN A 289 23.71 -5.03 0.42
C GLN A 289 22.29 -5.01 -0.15
N GLN A 290 21.90 -3.88 -0.76
CA GLN A 290 20.54 -3.82 -1.28
C GLN A 290 20.43 -4.66 -2.54
N VAL A 291 19.49 -5.59 -2.53
CA VAL A 291 19.27 -6.43 -3.69
C VAL A 291 18.50 -5.63 -4.73
N ASN A 292 18.93 -5.72 -5.98
CA ASN A 292 18.25 -5.01 -7.04
C ASN A 292 16.84 -5.54 -7.28
N GLY A 293 15.93 -4.59 -7.45
CA GLY A 293 14.55 -4.87 -7.88
C GLY A 293 14.39 -5.92 -8.96
N ASN A 294 15.30 -5.90 -9.92
CA ASN A 294 15.28 -6.80 -11.08
C ASN A 294 15.37 -8.26 -10.69
N ARG A 295 15.77 -8.52 -9.45
CA ARG A 295 15.95 -9.89 -9.01
C ARG A 295 14.82 -10.35 -8.09
N LEU A 296 13.96 -9.42 -7.69
CA LEU A 296 12.93 -9.73 -6.70
C LEU A 296 11.60 -10.12 -7.30
N THR A 297 10.99 -11.16 -6.76
CA THR A 297 9.58 -11.43 -7.06
C THR A 297 8.73 -11.60 -5.79
N ILE A 298 7.66 -10.81 -5.68
CA ILE A 298 6.90 -10.74 -4.43
C ILE A 298 5.49 -11.28 -4.54
N THR A 299 5.16 -12.30 -3.74
CA THR A 299 3.79 -12.78 -3.78
C THR A 299 3.13 -12.53 -2.42
N SER A 300 1.88 -12.93 -2.26
CA SER A 300 1.26 -12.82 -0.96
C SER A 300 1.87 -13.74 0.06
N ASP A 301 2.68 -14.71 -0.36
CA ASP A 301 3.26 -15.67 0.59
C ASP A 301 4.68 -15.29 1.04
N GLY A 302 5.40 -14.60 0.16
CA GLY A 302 6.78 -14.27 0.43
C GLY A 302 7.47 -13.63 -0.75
N LEU A 303 8.79 -13.59 -0.61
CA LEU A 303 9.65 -12.88 -1.52
C LEU A 303 10.64 -13.86 -2.06
N THR A 304 10.93 -13.73 -3.35
CA THR A 304 11.86 -14.61 -4.04
C THR A 304 12.96 -13.81 -4.74
N VAL A 305 14.21 -14.12 -4.40
CA VAL A 305 15.35 -13.54 -5.08
C VAL A 305 15.88 -14.53 -6.11
N SER A 306 16.20 -14.02 -7.28
CA SER A 306 16.82 -14.84 -8.32
C SER A 306 18.33 -14.61 -8.30
N ASP A 307 19.05 -15.42 -9.09
CA ASP A 307 20.51 -15.35 -9.22
C ASP A 307 21.26 -15.56 -7.91
N VAL A 308 20.79 -16.48 -7.07
CA VAL A 308 21.46 -16.74 -5.80
C VAL A 308 22.16 -18.07 -5.85
N SER A 309 23.49 -18.04 -5.71
CA SER A 309 24.31 -19.25 -5.71
C SER A 309 24.34 -19.96 -4.35
N LYS A 310 24.80 -21.20 -4.37
CA LYS A 310 24.95 -21.97 -3.16
C LYS A 310 25.87 -21.26 -2.19
N THR A 311 26.97 -20.72 -2.69
CA THR A 311 27.92 -19.96 -1.89
C THR A 311 27.28 -18.72 -1.29
N ASP A 312 26.51 -18.01 -2.12
CA ASP A 312 25.73 -16.84 -1.71
C ASP A 312 24.80 -17.22 -0.57
N PHE A 313 24.09 -18.33 -0.74
CA PHE A 313 23.17 -18.76 0.28
C PHE A 313 23.86 -19.10 1.59
N ASP A 314 24.90 -19.93 1.52
CA ASP A 314 25.68 -20.30 2.70
C ASP A 314 26.28 -19.10 3.43
N ASN A 315 26.71 -18.08 2.69
CA ASN A 315 27.28 -16.85 3.27
C ASN A 315 26.25 -15.88 3.88
N LEU A 316 24.96 -16.23 3.81
CA LEU A 316 23.91 -15.30 4.24
C LEU A 316 23.83 -15.14 5.75
N GLU A 317 24.23 -13.99 6.26
CA GLU A 317 24.25 -13.78 7.71
C GLU A 317 23.17 -12.80 8.17
N LYS A 318 22.75 -11.90 7.29
CA LYS A 318 21.76 -10.89 7.62
C LYS A 318 20.80 -10.62 6.47
N MET A 319 19.55 -10.37 6.82
CA MET A 319 18.60 -9.81 5.87
C MET A 319 17.90 -8.65 6.51
N GLU A 320 17.43 -7.74 5.67
CA GLU A 320 16.49 -6.76 6.14
C GLU A 320 15.35 -6.65 5.15
N TYR A 321 14.12 -6.66 5.67
CA TYR A 321 12.94 -6.46 4.83
C TYR A 321 12.22 -5.21 5.21
N ASN A 322 12.22 -4.22 4.33
CA ASN A 322 11.61 -2.96 4.62
C ASN A 322 10.66 -2.73 3.51
N ALA A 323 9.34 -2.82 3.73
CA ALA A 323 8.38 -2.55 2.64
C ALA A 323 7.06 -1.90 3.04
N ARG A 324 6.34 -1.40 2.04
CA ARG A 324 5.03 -0.80 2.27
C ARG A 324 3.95 -1.87 2.47
N ILE A 325 2.91 -1.54 3.23
CA ILE A 325 1.82 -2.49 3.35
C ILE A 325 0.63 -2.07 2.49
N ASP A 326 0.09 -3.00 1.71
CA ASP A 326 -1.03 -2.63 0.90
C ASP A 326 -2.35 -2.47 1.66
N LEU A 327 -2.56 -1.25 2.13
CA LEU A 327 -3.75 -0.89 2.86
C LEU A 327 -4.15 0.49 2.39
N SER A 328 -5.08 0.60 1.46
CA SER A 328 -5.41 1.90 0.94
C SER A 328 -6.75 2.43 1.31
N TYR A 329 -6.98 3.66 0.93
CA TYR A 329 -8.27 4.27 1.02
C TYR A 329 -9.34 3.28 0.81
N GLN A 330 -10.30 3.20 1.69
CA GLN A 330 -11.47 2.36 1.39
C GLN A 330 -11.16 0.92 0.99
N SER A 331 -10.16 0.33 1.61
CA SER A 331 -9.77 -1.03 1.31
C SER A 331 -9.84 -1.96 2.56
N TYR A 332 -10.41 -1.44 3.65
CA TYR A 332 -10.54 -2.22 4.88
C TYR A 332 -11.80 -1.85 5.63
N ASN A 333 -12.18 -2.66 6.62
CA ASN A 333 -13.33 -2.35 7.44
C ASN A 333 -13.05 -1.28 8.45
N THR A 334 -14.07 -0.48 8.75
CA THR A 334 -13.99 0.50 9.82
C THR A 334 -14.95 0.06 10.89
N PRO A 335 -14.56 0.15 12.17
CA PRO A 335 -15.58 -0.15 13.20
C PRO A 335 -16.79 0.84 13.18
N GLU A 336 -17.93 0.49 13.79
CA GLU A 336 -19.15 1.34 13.71
C GLU A 336 -19.09 2.68 14.45
N GLN A 337 -18.41 2.72 15.59
CA GLN A 337 -18.17 3.99 16.27
C GLN A 337 -17.72 5.09 15.33
N PHE A 338 -16.91 4.74 14.32
CA PHE A 338 -16.29 5.79 13.51
C PHE A 338 -17.14 6.20 12.32
N GLN A 339 -18.25 5.48 12.10
CA GLN A 339 -19.17 5.69 10.97
C GLN A 339 -20.27 6.76 11.16
N ASN A 340 -20.32 7.34 12.36
CA ASN A 340 -21.33 8.35 12.71
C ASN A 340 -20.92 9.78 12.37
N GLY A 341 -20.11 9.93 11.31
CA GLY A 341 -19.52 11.22 10.98
C GLY A 341 -18.14 11.42 11.60
N GLY A 342 -17.52 10.33 12.02
CA GLY A 342 -16.11 10.37 12.45
C GLY A 342 -15.19 9.92 11.33
N SER A 343 -14.05 9.33 11.69
CA SER A 343 -13.11 8.79 10.70
C SER A 343 -12.08 7.87 11.34
N TYR A 344 -11.71 6.87 10.59
CA TYR A 344 -10.84 5.81 11.04
C TYR A 344 -9.93 5.52 9.89
N THR A 345 -8.82 6.21 9.80
CA THR A 345 -7.87 5.90 8.74
C THR A 345 -6.59 5.30 9.29
N ILE A 346 -6.31 4.07 8.89
CA ILE A 346 -5.14 3.36 9.35
C ILE A 346 -4.27 2.98 8.16
N SER A 347 -4.30 3.82 7.14
CA SER A 347 -3.83 3.37 5.86
C SER A 347 -2.36 3.59 5.60
N MET A 348 -1.89 2.82 4.62
CA MET A 348 -0.53 2.84 4.02
C MET A 348 0.62 2.83 5.02
N PRO A 349 0.71 1.80 5.87
CA PRO A 349 1.84 1.73 6.78
C PRO A 349 3.08 1.16 6.13
N ILE A 350 4.16 1.23 6.89
CA ILE A 350 5.50 0.83 6.44
C ILE A 350 6.05 -0.12 7.49
N TYR A 351 6.72 -1.17 7.02
CA TYR A 351 7.20 -2.22 7.89
C TYR A 351 8.72 -2.33 7.73
N ASP A 352 9.45 -2.51 8.84
CA ASP A 352 10.89 -2.69 8.79
C ASP A 352 11.36 -3.77 9.76
N HIS A 353 11.98 -4.81 9.20
CA HIS A 353 12.27 -6.03 9.97
C HIS A 353 13.65 -6.61 9.69
N TYR A 354 14.47 -6.61 10.74
CA TYR A 354 15.86 -7.07 10.65
C TYR A 354 16.03 -8.55 10.96
N PHE A 355 16.91 -9.19 10.21
CA PHE A 355 17.10 -10.61 10.35
C PHE A 355 18.54 -10.98 10.47
N THR A 356 18.76 -12.01 11.27
CA THR A 356 20.08 -12.57 11.49
C THR A 356 19.97 -14.10 11.23
N VAL A 357 20.70 -14.57 10.22
CA VAL A 357 20.51 -15.96 9.72
C VAL A 357 21.61 -16.94 10.13
N ASP A 358 21.20 -18.09 10.67
CA ASP A 358 22.13 -19.07 11.21
C ASP A 358 22.03 -20.38 10.44
N HIS A 359 23.15 -20.79 9.83
CA HIS A 359 23.21 -22.03 9.04
C HIS A 359 23.76 -23.22 9.79
N SER A 360 24.10 -22.98 11.06
CA SER A 360 24.65 -24.02 11.91
C SER A 360 23.57 -25.02 12.31
N LEU A 361 24.00 -26.27 12.40
CA LEU A 361 23.23 -27.36 13.00
C LEU A 361 23.99 -27.77 14.24
N ASN A 362 23.32 -27.69 15.38
CA ASN A 362 24.02 -27.82 16.65
C ASN A 362 23.45 -28.96 17.46
N ILE A 363 24.32 -29.56 18.27
CA ILE A 363 23.94 -30.76 19.00
C ILE A 363 24.02 -30.54 20.50
N THR A 364 22.92 -30.86 21.18
CA THR A 364 22.77 -30.63 22.60
C THR A 364 22.56 -31.96 23.30
N ALA A 365 23.36 -32.22 24.32
CA ALA A 365 23.27 -33.45 25.11
C ALA A 365 23.86 -33.27 26.50
N ASP A 366 23.47 -34.16 27.43
CA ASP A 366 24.16 -34.24 28.73
C ASP A 366 25.65 -34.48 28.46
N SER A 367 26.48 -33.82 29.28
CA SER A 367 27.90 -33.62 28.98
C SER A 367 28.85 -34.33 29.93
N GLU A 368 28.31 -35.28 30.68
CA GLU A 368 29.11 -36.16 31.51
C GLU A 368 28.23 -37.33 31.90
N LYS A 369 28.82 -38.50 32.11
CA LYS A 369 28.08 -39.69 32.56
C LYS A 369 29.02 -40.62 33.31
N THR A 370 28.46 -41.41 34.22
CA THR A 370 29.23 -42.41 34.93
C THR A 370 28.65 -43.81 34.77
N TYR A 371 29.51 -44.73 34.34
CA TYR A 371 29.20 -46.15 34.37
C TYR A 371 30.11 -46.82 35.41
N ILE A 372 30.04 -48.14 35.56
CA ILE A 372 30.92 -48.83 36.51
C ILE A 372 31.93 -49.72 35.78
N GLU A 373 32.95 -50.15 36.52
CA GLU A 373 34.22 -50.66 35.99
C GLU A 373 34.27 -51.57 34.77
N ASN A 374 33.47 -52.62 34.76
CA ASN A 374 33.70 -53.62 33.71
C ASN A 374 32.47 -54.08 32.97
N GLN A 375 31.32 -53.56 33.39
CA GLN A 375 30.11 -53.72 32.62
C GLN A 375 30.35 -53.12 31.25
N LEU A 376 29.49 -53.44 30.30
CA LEU A 376 29.70 -53.00 28.92
C LEU A 376 28.50 -52.29 28.31
N VAL A 377 28.82 -51.25 27.55
CA VAL A 377 27.81 -50.39 26.96
C VAL A 377 28.07 -50.28 25.46
N THR A 378 26.98 -50.28 24.70
CA THR A 378 27.00 -50.09 23.25
C THR A 378 26.78 -48.61 22.94
N GLU A 379 27.56 -48.07 22.00
CA GLU A 379 27.44 -46.66 21.64
C GLU A 379 25.95 -46.18 21.59
N ALA A 380 25.07 -46.97 20.98
CA ALA A 380 23.64 -46.67 20.93
C ALA A 380 23.03 -46.39 22.34
N THR A 381 23.30 -47.27 23.30
CA THR A 381 22.80 -47.10 24.69
C THR A 381 23.41 -45.83 25.33
N PHE A 382 24.64 -45.55 24.92
CA PHE A 382 25.39 -44.38 25.37
C PHE A 382 24.65 -43.09 24.99
N LEU A 383 24.27 -43.02 23.71
CA LEU A 383 23.61 -41.84 23.15
C LEU A 383 22.26 -41.57 23.79
N SER A 384 21.50 -42.64 24.04
CA SER A 384 20.21 -42.56 24.74
C SER A 384 20.37 -41.92 26.11
N ASP A 385 21.37 -42.42 26.82
CA ASP A 385 21.66 -42.01 28.17
C ASP A 385 21.86 -40.51 28.25
N ILE A 386 22.67 -39.98 27.34
CA ILE A 386 22.95 -38.54 27.29
C ILE A 386 21.94 -37.78 26.44
N HIS A 387 21.05 -38.51 25.78
CA HIS A 387 20.04 -37.87 24.98
C HIS A 387 20.73 -37.06 23.92
N ALA A 388 21.46 -37.71 23.01
CA ALA A 388 22.12 -37.00 21.90
C ALA A 388 21.18 -36.69 20.73
N LYS A 389 21.17 -35.42 20.33
CA LYS A 389 20.18 -34.89 19.40
C LYS A 389 20.80 -33.82 18.50
N THR A 390 20.54 -33.87 17.21
CA THR A 390 20.85 -32.69 16.40
C THR A 390 19.65 -31.74 16.47
N ASP A 391 19.91 -30.45 16.24
CA ASP A 391 18.87 -29.41 16.28
C ASP A 391 17.89 -29.59 15.12
N ASP A 392 18.33 -30.27 14.07
CA ASP A 392 17.49 -30.64 12.93
C ASP A 392 16.62 -31.87 13.23
N GLY A 393 17.18 -32.83 13.95
CA GLY A 393 16.59 -34.17 14.06
C GLY A 393 17.25 -35.19 13.12
N SER A 394 18.52 -34.93 12.77
CA SER A 394 19.40 -35.83 12.02
C SER A 394 20.36 -36.61 12.95
N THR A 395 21.44 -37.16 12.38
CA THR A 395 22.32 -38.14 13.05
C THR A 395 23.41 -37.57 13.99
N VAL A 396 23.78 -38.36 15.00
CA VAL A 396 24.94 -38.09 15.86
C VAL A 396 25.84 -39.32 15.93
N THR A 397 27.11 -39.12 15.58
CA THR A 397 28.14 -40.16 15.69
C THR A 397 29.03 -39.84 16.91
N SER A 398 30.00 -40.71 17.19
CA SER A 398 30.91 -40.53 18.34
C SER A 398 32.15 -41.47 18.29
N ASP A 399 33.18 -41.12 19.04
CA ASP A 399 34.39 -41.95 19.17
C ASP A 399 34.40 -42.74 20.49
N PHE A 400 33.28 -42.68 21.22
CA PHE A 400 33.20 -43.26 22.54
C PHE A 400 33.89 -44.63 22.63
N ALA A 401 33.56 -45.53 21.72
CA ALA A 401 34.18 -46.85 21.75
C ALA A 401 35.69 -46.75 21.65
N ASP A 402 36.20 -45.68 21.06
CA ASP A 402 37.65 -45.52 20.93
C ASP A 402 38.29 -45.03 22.23
N LYS A 403 37.76 -43.95 22.79
CA LYS A 403 38.37 -43.28 23.94
C LYS A 403 38.10 -43.91 25.31
N VAL A 404 36.89 -44.42 25.56
CA VAL A 404 36.53 -44.83 26.93
C VAL A 404 36.99 -46.24 27.27
N ASP A 405 37.78 -46.34 28.34
CA ASP A 405 38.41 -47.58 28.72
C ASP A 405 37.69 -48.07 29.97
N PHE A 406 36.94 -49.17 29.82
CA PHE A 406 36.11 -49.65 30.92
C PHE A 406 36.88 -50.47 31.95
N ASN A 407 38.10 -50.83 31.61
CA ASN A 407 38.86 -51.67 32.50
C ASN A 407 39.85 -50.87 33.31
N THR A 408 40.01 -49.60 32.94
CA THR A 408 40.78 -48.67 33.74
C THR A 408 39.84 -47.59 34.20
N PRO A 409 39.40 -47.64 35.46
CA PRO A 409 38.58 -46.56 36.03
C PRO A 409 39.25 -45.18 35.90
N GLY A 410 38.45 -44.17 35.55
CA GLY A 410 38.96 -42.85 35.25
C GLY A 410 37.92 -42.05 34.49
N THR A 411 38.35 -40.95 33.91
CA THR A 411 37.45 -40.06 33.20
C THR A 411 37.96 -39.79 31.79
N TYR A 412 37.08 -40.04 30.82
CA TYR A 412 37.43 -40.11 29.41
C TYR A 412 36.66 -39.14 28.54
N THR A 413 37.38 -38.49 27.63
CA THR A 413 36.78 -37.52 26.71
C THR A 413 36.22 -38.19 25.45
N VAL A 414 34.91 -38.17 25.33
CA VAL A 414 34.24 -38.55 24.08
C VAL A 414 33.85 -37.29 23.33
N THR A 415 34.12 -37.30 22.03
CA THR A 415 33.79 -36.18 21.16
C THR A 415 32.65 -36.60 20.22
N LEU A 416 31.52 -35.92 20.34
CA LEU A 416 30.37 -36.19 19.48
C LEU A 416 30.50 -35.39 18.16
N GLN A 417 30.03 -35.98 17.05
CA GLN A 417 30.09 -35.36 15.72
C GLN A 417 28.74 -35.59 15.05
N SER A 418 28.42 -34.84 13.99
CA SER A 418 27.16 -35.07 13.22
C SER A 418 27.21 -34.48 11.83
N GLU A 419 26.84 -35.27 10.80
CA GLU A 419 26.79 -34.79 9.41
C GLU A 419 25.43 -34.89 8.72
N ASN A 420 24.48 -34.03 9.11
CA ASN A 420 23.19 -33.98 8.42
C ASN A 420 23.29 -33.48 6.99
N ASN A 421 24.10 -32.43 6.80
CA ASN A 421 24.12 -31.64 5.58
C ASN A 421 24.71 -32.34 4.36
N ALA A 422 24.47 -31.78 3.17
CA ALA A 422 25.32 -32.04 2.03
C ALA A 422 26.73 -32.10 2.62
N GLY A 423 26.99 -31.23 3.59
CA GLY A 423 28.20 -31.29 4.42
C GLY A 423 27.88 -31.01 5.88
N LEU A 424 28.87 -31.18 6.75
CA LEU A 424 28.66 -31.00 8.20
C LEU A 424 29.64 -30.04 8.86
N LYS A 425 29.47 -28.74 8.70
CA LYS A 425 30.25 -27.87 9.53
C LYS A 425 29.63 -27.95 10.90
N ALA A 426 29.26 -29.16 11.31
CA ALA A 426 28.64 -29.35 12.60
C ALA A 426 29.68 -29.46 13.68
N THR A 427 30.07 -28.33 14.25
CA THR A 427 31.08 -28.35 15.31
C THR A 427 30.74 -29.36 16.41
N PRO A 428 31.75 -30.17 16.78
CA PRO A 428 31.64 -31.31 17.66
C PRO A 428 31.62 -30.91 19.12
N VAL A 429 30.78 -31.59 19.88
CA VAL A 429 30.60 -31.32 21.29
C VAL A 429 31.10 -32.52 22.11
N GLN A 430 31.88 -32.23 23.15
CA GLN A 430 32.54 -33.28 23.91
C GLN A 430 31.78 -33.69 25.18
N VAL A 431 31.95 -34.96 25.57
CA VAL A 431 31.31 -35.53 26.75
C VAL A 431 32.33 -36.27 27.56
N ASN A 432 32.29 -36.07 28.87
CA ASN A 432 33.21 -36.72 29.80
C ASN A 432 32.60 -37.97 30.43
N VAL A 433 33.03 -39.10 29.94
CA VAL A 433 32.51 -40.35 30.45
C VAL A 433 33.39 -40.79 31.61
N THR A 434 32.77 -41.21 32.70
CA THR A 434 33.47 -41.49 33.95
C THR A 434 33.29 -42.94 34.32
N ILE A 435 34.39 -43.61 34.62
CA ILE A 435 34.31 -44.97 35.08
C ILE A 435 34.61 -45.01 36.58
N LYS A 436 33.79 -45.75 37.32
CA LYS A 436 33.92 -45.86 38.75
C LYS A 436 34.33 -47.29 39.09
N ALA A 437 35.30 -47.42 40.01
CA ALA A 437 35.66 -48.70 40.64
C ALA A 437 34.46 -49.60 41.02
N LYS A 438 34.51 -50.84 40.54
CA LYS A 438 33.58 -51.88 40.93
C LYS A 438 33.68 -52.05 42.47
N THR A 439 32.54 -52.00 43.17
CA THR A 439 32.56 -52.13 44.62
C THR A 439 32.67 -53.57 45.01
N THR A 440 33.79 -53.89 45.67
CA THR A 440 34.26 -55.27 45.84
C THR A 440 34.51 -55.55 47.32
N ILE A 441 33.85 -56.56 47.85
CA ILE A 441 34.09 -56.94 49.22
C ILE A 441 35.29 -57.89 49.23
N THR A 442 36.16 -57.80 50.22
CA THR A 442 37.20 -58.82 50.46
C THR A 442 37.19 -59.16 51.93
N ALA A 443 37.39 -60.44 52.22
CA ALA A 443 37.37 -60.92 53.57
C ALA A 443 38.25 -62.15 53.72
N ASP A 444 38.36 -62.67 54.94
CA ASP A 444 38.82 -64.06 55.13
C ASP A 444 37.70 -64.94 54.61
N GLU A 445 37.94 -66.22 54.41
CA GLU A 445 36.84 -67.08 53.97
C GLU A 445 36.44 -68.11 55.01
N LYS A 446 37.34 -68.35 55.96
CA LYS A 446 37.03 -69.19 57.10
C LYS A 446 37.39 -68.49 58.41
N ILE A 447 36.54 -68.69 59.42
CA ILE A 447 36.84 -68.29 60.78
C ILE A 447 36.35 -69.40 61.71
N THR A 448 37.02 -69.60 62.83
CA THR A 448 36.63 -70.64 63.74
C THR A 448 36.58 -70.18 65.22
N TYR A 449 35.44 -70.39 65.87
CA TYR A 449 35.16 -69.90 67.22
C TYR A 449 34.77 -71.05 68.15
N LYS A 450 35.07 -70.91 69.44
CA LYS A 450 34.58 -71.86 70.43
C LYS A 450 33.11 -71.62 70.78
N VAL A 451 32.42 -72.68 71.17
CA VAL A 451 31.02 -72.55 71.53
C VAL A 451 30.88 -71.58 72.71
N ASP A 452 29.81 -70.79 72.66
CA ASP A 452 29.46 -69.87 73.73
C ASP A 452 30.47 -68.74 73.91
N THR A 453 31.28 -68.51 72.89
CA THR A 453 32.02 -67.28 72.77
C THR A 453 30.95 -66.26 72.44
N SER A 454 30.96 -65.11 73.08
CA SER A 454 30.10 -64.05 72.59
C SER A 454 30.85 -63.22 71.53
N LYS A 455 30.12 -62.84 70.47
CA LYS A 455 30.69 -62.08 69.39
C LYS A 455 29.60 -61.21 68.81
N THR A 456 29.89 -59.92 68.67
CA THR A 456 28.96 -58.99 68.01
C THR A 456 29.21 -59.05 66.49
N GLU A 457 28.25 -58.62 65.69
CA GLU A 457 28.47 -58.56 64.26
C GLU A 457 29.65 -57.69 63.87
N ALA A 458 29.79 -56.52 64.48
CA ALA A 458 30.86 -55.60 64.12
C ALA A 458 32.21 -56.18 64.52
N ALA A 459 32.21 -57.00 65.56
CA ALA A 459 33.39 -57.75 65.98
C ALA A 459 33.81 -58.79 64.94
N PHE A 460 32.81 -59.40 64.32
CA PHE A 460 33.04 -60.47 63.36
C PHE A 460 33.65 -59.86 62.08
N LEU A 461 32.98 -58.90 61.49
CA LEU A 461 33.53 -58.22 60.33
C LEU A 461 34.95 -57.72 60.57
N ALA A 462 35.27 -57.44 61.83
CA ALA A 462 36.58 -56.93 62.15
C ALA A 462 37.56 -58.06 62.18
N ASP A 463 37.07 -59.22 62.62
CA ASP A 463 37.86 -60.43 62.83
C ASP A 463 38.25 -61.05 61.52
N ILE A 464 37.37 -60.96 60.54
CA ILE A 464 37.60 -61.54 59.23
C ILE A 464 38.09 -60.49 58.26
N LYS A 465 38.60 -59.40 58.81
CA LYS A 465 39.12 -58.28 58.02
C LYS A 465 38.25 -57.91 56.82
N ALA A 466 36.94 -57.90 57.04
CA ALA A 466 35.96 -57.62 56.01
C ALA A 466 35.92 -56.15 55.65
N THR A 467 35.97 -55.84 54.37
CA THR A 467 36.23 -54.47 53.93
C THR A 467 35.82 -54.34 52.45
N THR A 468 35.35 -53.16 52.06
CA THR A 468 35.18 -52.87 50.62
C THR A 468 36.21 -51.86 50.18
N ASN A 469 36.33 -51.61 48.88
CA ASN A 469 37.30 -50.66 48.32
C ASN A 469 36.93 -49.20 48.48
N ASP A 470 35.63 -48.89 48.48
CA ASP A 470 35.12 -47.54 48.76
C ASP A 470 34.33 -47.58 50.05
N GLY A 471 34.06 -46.43 50.64
CA GLY A 471 33.58 -46.47 52.01
C GLY A 471 32.19 -47.06 52.18
N THR A 472 31.95 -48.23 51.61
CA THR A 472 30.62 -48.78 51.49
C THR A 472 30.39 -49.87 52.52
N ALA A 473 29.26 -49.76 53.24
CA ALA A 473 28.99 -50.56 54.41
C ALA A 473 28.56 -52.02 54.12
N ILE A 474 29.19 -52.93 54.83
CA ILE A 474 28.90 -54.34 54.69
C ILE A 474 27.73 -54.80 55.57
N THR A 475 26.79 -55.53 54.97
CA THR A 475 25.62 -56.03 55.69
C THR A 475 25.81 -57.54 55.84
N SER A 476 25.10 -58.13 56.78
CA SER A 476 25.36 -59.50 57.08
C SER A 476 24.16 -60.19 57.67
N ASP A 477 24.09 -61.49 57.40
CA ASP A 477 23.14 -62.41 58.00
C ASP A 477 23.73 -63.10 59.23
N PHE A 478 24.92 -62.69 59.60
CA PHE A 478 25.61 -63.24 60.75
C PHE A 478 24.75 -63.67 61.92
N ALA A 479 23.94 -62.76 62.43
CA ALA A 479 23.26 -62.96 63.70
C ALA A 479 21.91 -63.60 63.58
N THR A 480 21.66 -64.19 62.44
CA THR A 480 20.51 -65.00 62.09
C THR A 480 21.00 -66.28 61.42
N VAL A 481 22.32 -66.44 61.34
CA VAL A 481 22.87 -67.63 60.71
C VAL A 481 23.80 -68.43 61.64
N VAL A 482 24.68 -67.74 62.36
CA VAL A 482 25.57 -68.40 63.31
C VAL A 482 24.80 -68.63 64.58
N ASP A 483 25.12 -69.71 65.30
CA ASP A 483 24.51 -69.93 66.60
C ASP A 483 25.44 -69.60 67.76
N LEU A 484 26.61 -70.25 67.78
CA LEU A 484 27.58 -69.98 68.85
C LEU A 484 27.21 -70.66 70.19
N SER A 485 26.00 -71.17 70.29
CA SER A 485 25.67 -72.09 71.36
C SER A 485 25.81 -73.53 70.90
N LYS A 486 25.68 -73.77 69.60
CA LYS A 486 25.67 -75.12 69.06
C LYS A 486 26.71 -75.30 67.96
N PRO A 487 27.74 -76.13 68.23
CA PRO A 487 28.84 -76.44 67.28
C PRO A 487 28.42 -76.70 65.83
N GLY A 488 29.32 -76.45 64.88
CA GLY A 488 29.07 -76.76 63.47
C GLY A 488 29.68 -75.85 62.42
N LYS A 489 29.08 -75.85 61.22
CA LYS A 489 29.51 -75.00 60.12
C LYS A 489 28.38 -74.09 59.70
N TYR A 490 28.65 -72.79 59.69
CA TYR A 490 27.64 -71.81 59.34
C TYR A 490 28.17 -70.96 58.24
N VAL A 491 27.33 -70.69 57.27
CA VAL A 491 27.74 -69.90 56.13
C VAL A 491 27.03 -68.56 56.13
N VAL A 492 27.80 -67.54 56.48
CA VAL A 492 27.29 -66.19 56.50
C VAL A 492 27.70 -65.53 55.22
N THR A 493 26.74 -64.93 54.54
CA THR A 493 27.02 -64.21 53.32
C THR A 493 27.07 -62.67 53.57
N LEU A 494 28.12 -62.04 53.09
CA LEU A 494 28.29 -60.59 53.20
C LEU A 494 27.67 -59.91 51.99
N ASN A 495 27.19 -58.67 52.14
CA ASN A 495 26.68 -57.86 51.00
C ASN A 495 27.04 -56.44 51.21
N ALA A 496 26.80 -55.59 50.20
CA ALA A 496 27.28 -54.18 50.18
C ALA A 496 26.62 -53.40 49.04
N GLU A 497 25.96 -52.28 49.35
CA GLU A 497 25.24 -51.49 48.33
C GLU A 497 25.47 -49.99 48.42
N ASN A 498 25.44 -49.30 47.29
CA ASN A 498 25.42 -47.84 47.32
C ASN A 498 24.51 -47.26 46.26
N ASP A 499 24.63 -45.96 46.06
CA ASP A 499 23.79 -45.28 45.09
C ASP A 499 23.91 -45.86 43.69
N LEU A 500 25.14 -46.23 43.29
CA LEU A 500 25.47 -46.64 41.92
C LEU A 500 25.57 -48.14 41.64
N GLN A 501 25.89 -48.94 42.64
CA GLN A 501 26.11 -50.38 42.41
C GLN A 501 25.84 -51.24 43.62
N LYS A 502 25.67 -52.52 43.36
CA LYS A 502 25.58 -53.52 44.40
C LYS A 502 26.80 -54.39 44.18
N ALA A 503 27.46 -54.79 45.25
CA ALA A 503 28.65 -55.62 45.11
C ALA A 503 28.22 -57.05 44.86
N LEU A 504 29.12 -57.84 44.31
CA LEU A 504 28.90 -59.27 44.27
C LEU A 504 29.07 -59.77 45.68
N PRO A 505 28.06 -60.47 46.21
CA PRO A 505 28.06 -61.02 47.57
C PRO A 505 29.21 -61.98 47.82
N VAL A 506 29.71 -62.04 49.05
CA VAL A 506 30.86 -62.89 49.42
C VAL A 506 30.46 -63.86 50.51
N GLN A 507 30.95 -65.09 50.45
CA GLN A 507 30.70 -66.03 51.55
C GLN A 507 31.87 -66.29 52.49
N VAL A 508 31.53 -66.36 53.77
CA VAL A 508 32.45 -66.70 54.83
C VAL A 508 31.91 -67.87 55.60
N MET A 509 32.81 -68.76 55.97
CA MET A 509 32.43 -70.01 56.60
C MET A 509 32.76 -69.91 58.07
N VAL A 510 31.76 -69.73 58.92
CA VAL A 510 32.05 -69.62 60.35
C VAL A 510 31.88 -70.97 61.08
N ILE A 511 33.02 -71.52 61.50
CA ILE A 511 33.12 -72.81 62.18
C ILE A 511 33.06 -72.61 63.69
N VAL A 512 31.99 -73.07 64.34
CA VAL A 512 32.00 -73.07 65.80
C VAL A 512 32.27 -74.48 66.31
N GLU A 513 33.41 -74.64 66.99
CA GLU A 513 33.90 -75.95 67.48
C GLU A 513 33.74 -76.14 68.98
N LYS A 514 33.11 -77.26 69.35
CA LYS A 514 32.99 -77.69 70.74
C LYS A 514 34.35 -78.10 71.21
N GLU A 515 35.07 -77.15 71.80
CA GLU A 515 36.40 -77.49 72.25
C GLU A 515 36.47 -77.76 73.74
N THR A 516 37.28 -78.77 74.05
CA THR A 516 37.48 -79.33 75.37
C THR A 516 38.15 -78.32 76.33
N SER B 46 -57.00 -12.20 -40.94
CA SER B 46 -56.53 -13.03 -39.78
C SER B 46 -55.81 -12.22 -38.70
N GLN B 47 -56.61 -11.53 -37.88
CA GLN B 47 -56.18 -10.82 -36.66
C GLN B 47 -55.86 -11.86 -35.63
N ASP B 48 -55.05 -12.76 -36.05
CA ASP B 48 -54.50 -13.69 -35.07
C ASP B 48 -53.03 -13.98 -35.34
N ASN B 49 -52.77 -14.53 -36.54
CA ASN B 49 -51.44 -14.97 -37.00
C ASN B 49 -50.40 -13.92 -37.35
N VAL B 50 -49.16 -14.12 -36.90
CA VAL B 50 -48.13 -13.08 -36.79
C VAL B 50 -46.92 -13.45 -37.61
N ASN B 51 -46.57 -12.56 -38.53
CA ASN B 51 -45.51 -12.84 -39.45
C ASN B 51 -44.20 -12.69 -38.71
N ILE B 52 -43.52 -13.80 -38.48
CA ILE B 52 -42.23 -13.77 -37.77
C ILE B 52 -41.12 -14.39 -38.63
N PRO B 53 -40.56 -13.62 -39.57
CA PRO B 53 -39.64 -14.04 -40.64
C PRO B 53 -38.37 -14.71 -40.19
N ASP B 54 -37.83 -14.28 -39.04
CA ASP B 54 -36.61 -14.88 -38.52
C ASP B 54 -36.89 -16.25 -37.87
N SER B 55 -36.39 -17.31 -38.49
CA SER B 55 -36.71 -18.63 -37.98
C SER B 55 -36.20 -18.80 -36.53
N THR B 56 -35.05 -18.21 -36.23
CA THR B 56 -34.52 -18.28 -34.86
C THR B 56 -35.37 -17.47 -33.88
N PHE B 57 -35.75 -16.25 -34.23
CA PHE B 57 -36.68 -15.48 -33.41
C PHE B 57 -37.98 -16.24 -33.13
N LYS B 58 -38.50 -16.90 -34.15
CA LYS B 58 -39.78 -17.62 -34.01
C LYS B 58 -39.63 -18.84 -33.10
N ALA B 59 -38.55 -19.58 -33.33
CA ALA B 59 -38.14 -20.66 -32.45
C ALA B 59 -38.12 -20.21 -30.99
N TYR B 60 -37.45 -19.07 -30.72
CA TYR B 60 -37.38 -18.51 -29.39
C TYR B 60 -38.76 -18.30 -28.76
N LEU B 61 -39.64 -17.60 -29.50
CA LEU B 61 -40.98 -17.30 -29.00
C LEU B 61 -41.85 -18.54 -28.79
N ASN B 62 -41.74 -19.52 -29.68
CA ASN B 62 -42.43 -20.78 -29.50
C ASN B 62 -42.00 -21.50 -28.23
N GLY B 63 -40.70 -21.44 -27.89
CA GLY B 63 -40.19 -22.02 -26.65
C GLY B 63 -40.85 -21.35 -25.45
N LEU B 64 -41.22 -20.08 -25.62
CA LEU B 64 -41.87 -19.33 -24.55
C LEU B 64 -43.30 -19.78 -24.41
N LEU B 65 -43.94 -20.12 -25.53
CA LEU B 65 -45.31 -20.63 -25.56
C LEU B 65 -45.40 -22.16 -25.55
N GLY B 66 -44.28 -22.85 -25.35
CA GLY B 66 -44.25 -24.32 -25.25
C GLY B 66 -44.64 -25.12 -26.52
N GLN B 67 -44.69 -24.43 -27.67
CA GLN B 67 -45.05 -25.02 -28.95
C GLN B 67 -43.79 -25.50 -29.66
N ALA B 68 -43.99 -26.22 -30.77
CA ALA B 68 -42.90 -26.70 -31.65
C ALA B 68 -42.22 -25.52 -32.32
N SER B 69 -40.97 -25.72 -32.73
CA SER B 69 -40.09 -24.61 -33.10
C SER B 69 -40.59 -23.83 -34.31
N THR B 70 -41.37 -24.47 -35.19
CA THR B 70 -41.89 -23.78 -36.36
C THR B 70 -43.38 -23.57 -36.39
N ALA B 71 -44.08 -23.93 -35.30
CA ALA B 71 -45.51 -23.66 -35.19
C ALA B 71 -45.83 -22.17 -35.42
N ASN B 72 -47.10 -21.84 -35.55
CA ASN B 72 -47.46 -20.47 -35.82
C ASN B 72 -47.84 -19.72 -34.58
N ILE B 73 -47.84 -18.39 -34.67
CA ILE B 73 -48.10 -17.51 -33.52
C ILE B 73 -49.16 -16.42 -33.81
N THR B 74 -50.11 -16.33 -32.89
CA THR B 74 -51.29 -15.54 -33.07
C THR B 74 -51.08 -14.25 -32.32
N GLU B 75 -51.75 -13.18 -32.78
CA GLU B 75 -51.66 -11.89 -32.08
C GLU B 75 -52.02 -12.03 -30.61
N ALA B 76 -52.89 -12.99 -30.29
CA ALA B 76 -53.32 -13.19 -28.92
C ALA B 76 -52.17 -13.77 -28.18
N GLN B 77 -51.44 -14.63 -28.87
CA GLN B 77 -50.31 -15.31 -28.30
C GLN B 77 -49.15 -14.37 -28.01
N MET B 78 -48.94 -13.41 -28.90
CA MET B 78 -47.91 -12.40 -28.67
C MET B 78 -48.25 -11.59 -27.44
N ASP B 79 -49.54 -11.25 -27.28
CA ASP B 79 -50.00 -10.41 -26.18
C ASP B 79 -49.89 -11.03 -24.81
N SER B 80 -49.66 -12.34 -24.75
CA SER B 80 -49.57 -13.01 -23.46
C SER B 80 -48.20 -12.79 -22.87
N LEU B 81 -47.24 -12.43 -23.72
CA LEU B 81 -45.85 -12.40 -23.33
C LEU B 81 -45.54 -11.27 -22.38
N THR B 82 -44.92 -11.63 -21.26
CA THR B 82 -44.55 -10.63 -20.28
C THR B 82 -43.12 -10.17 -20.47
N TYR B 83 -42.25 -11.00 -21.04
CA TYR B 83 -40.88 -10.57 -21.29
C TYR B 83 -40.28 -11.24 -22.52
N ILE B 84 -39.26 -10.64 -23.10
CA ILE B 84 -38.41 -11.28 -24.12
C ILE B 84 -36.93 -11.02 -23.82
N THR B 85 -36.13 -12.08 -23.80
CA THR B 85 -34.69 -11.97 -23.66
C THR B 85 -33.97 -12.73 -24.76
N LEU B 86 -33.30 -11.94 -25.59
CA LEU B 86 -32.52 -12.45 -26.70
C LEU B 86 -31.08 -12.26 -26.36
N ALA B 87 -30.40 -13.32 -26.00
CA ALA B 87 -28.98 -13.23 -25.69
C ALA B 87 -28.13 -14.27 -26.44
N ASN B 88 -27.14 -13.80 -27.17
CA ASN B 88 -26.14 -14.64 -27.83
C ASN B 88 -26.76 -15.68 -28.73
N ILE B 89 -27.85 -15.26 -29.37
CA ILE B 89 -28.40 -15.94 -30.50
C ILE B 89 -28.47 -14.97 -31.68
N ASN B 90 -28.21 -15.45 -32.88
CA ASN B 90 -28.13 -14.55 -34.02
C ASN B 90 -29.47 -14.37 -34.62
N VAL B 91 -30.13 -13.31 -34.18
CA VAL B 91 -31.43 -12.90 -34.67
C VAL B 91 -31.21 -11.65 -35.49
N THR B 92 -31.48 -11.76 -36.79
CA THR B 92 -31.18 -10.71 -37.76
C THR B 92 -32.35 -9.74 -37.96
N ASP B 93 -33.58 -10.22 -37.74
CA ASP B 93 -34.74 -9.47 -38.04
C ASP B 93 -35.71 -9.56 -36.87
N LEU B 94 -36.29 -8.43 -36.47
CA LEU B 94 -37.07 -8.46 -35.27
C LEU B 94 -38.58 -8.38 -35.57
N THR B 95 -38.93 -8.46 -36.85
CA THR B 95 -40.33 -8.35 -37.24
C THR B 95 -41.16 -9.37 -36.46
N GLY B 96 -42.24 -8.90 -35.88
CA GLY B 96 -43.06 -9.74 -35.05
C GLY B 96 -43.20 -9.03 -33.74
N ILE B 97 -42.06 -8.62 -33.21
CA ILE B 97 -41.95 -8.02 -31.90
C ILE B 97 -42.89 -6.84 -31.59
N GLU B 98 -43.33 -6.13 -32.64
CA GLU B 98 -44.31 -5.04 -32.51
C GLU B 98 -45.73 -5.53 -32.14
N TYR B 99 -45.81 -6.81 -31.81
CA TYR B 99 -47.06 -7.45 -31.45
C TYR B 99 -46.94 -8.04 -30.07
N ALA B 100 -45.91 -7.60 -29.37
CA ALA B 100 -45.66 -8.05 -28.01
C ALA B 100 -46.05 -6.94 -27.03
N HIS B 101 -47.16 -6.27 -27.39
CA HIS B 101 -47.73 -5.09 -26.72
C HIS B 101 -47.73 -5.24 -25.23
N ASN B 102 -47.70 -6.44 -24.73
CA ASN B 102 -47.76 -6.46 -23.30
C ASN B 102 -46.46 -6.72 -22.53
N ILE B 103 -45.31 -6.70 -23.20
CA ILE B 103 -44.06 -7.01 -22.50
C ILE B 103 -43.61 -5.84 -21.61
N LYS B 104 -43.21 -6.13 -20.38
CA LYS B 104 -42.59 -5.16 -19.50
C LYS B 104 -41.05 -5.11 -19.66
N ASP B 105 -40.43 -6.19 -20.16
CA ASP B 105 -38.96 -6.35 -20.18
C ASP B 105 -38.43 -6.79 -21.53
N LEU B 106 -37.56 -6.00 -22.13
CA LEU B 106 -36.86 -6.43 -23.32
C LEU B 106 -35.40 -6.41 -23.01
N THR B 107 -34.74 -7.55 -23.15
CA THR B 107 -33.29 -7.67 -23.00
C THR B 107 -32.69 -8.27 -24.28
N ILE B 108 -31.77 -7.56 -24.89
CA ILE B 108 -31.06 -8.06 -26.06
C ILE B 108 -29.56 -7.89 -25.84
N ASN B 109 -28.81 -8.96 -26.00
CA ASN B 109 -27.39 -8.88 -25.95
C ASN B 109 -26.77 -9.68 -27.11
N ASN B 110 -26.04 -8.97 -27.97
CA ASN B 110 -25.25 -9.63 -28.99
C ASN B 110 -26.03 -10.44 -30.04
N ILE B 111 -26.99 -9.81 -30.70
CA ILE B 111 -27.82 -10.58 -31.62
C ILE B 111 -27.61 -10.24 -33.06
N HIS B 112 -26.82 -9.20 -33.34
CA HIS B 112 -26.51 -8.72 -34.69
C HIS B 112 -27.72 -8.47 -35.51
N ALA B 113 -28.70 -7.85 -34.87
CA ALA B 113 -29.89 -7.39 -35.56
C ALA B 113 -29.49 -6.24 -36.45
N THR B 114 -30.10 -6.19 -37.64
CA THR B 114 -29.90 -5.13 -38.63
C THR B 114 -30.21 -3.75 -38.04
N ASN B 115 -31.36 -3.67 -37.37
CA ASN B 115 -31.81 -2.47 -36.70
C ASN B 115 -32.82 -2.90 -35.64
N TYR B 116 -33.38 -1.95 -34.90
CA TYR B 116 -34.25 -2.28 -33.81
C TYR B 116 -35.51 -1.46 -33.89
N ASN B 117 -35.76 -0.92 -35.07
CA ASN B 117 -36.88 -0.02 -35.37
C ASN B 117 -38.21 -0.48 -34.79
N GLN B 118 -38.38 -1.80 -34.79
CA GLN B 118 -39.66 -2.40 -34.47
C GLN B 118 -40.08 -2.25 -33.00
N ILE B 119 -39.33 -1.50 -32.20
CA ILE B 119 -39.71 -1.35 -30.79
C ILE B 119 -40.35 -0.02 -30.48
N SER B 120 -40.39 0.87 -31.49
CA SER B 120 -40.81 2.27 -31.31
C SER B 120 -42.17 2.49 -30.62
N GLY B 121 -43.09 1.54 -30.71
CA GLY B 121 -44.39 1.68 -30.07
C GLY B 121 -44.72 0.61 -29.03
N LEU B 122 -43.73 0.07 -28.33
CA LEU B 122 -44.04 -0.73 -27.16
C LEU B 122 -44.26 0.14 -25.91
N SER B 123 -45.37 0.89 -25.90
CA SER B 123 -45.60 1.85 -24.82
C SER B 123 -45.63 1.20 -23.45
N ASN B 124 -45.84 -0.10 -23.39
CA ASN B 124 -45.96 -0.76 -22.10
C ASN B 124 -44.68 -1.41 -21.60
N LEU B 125 -43.62 -1.14 -22.32
CA LEU B 125 -42.29 -1.58 -21.94
C LEU B 125 -41.78 -0.79 -20.74
N GLU B 126 -41.23 -1.47 -19.74
CA GLU B 126 -40.76 -0.76 -18.55
C GLU B 126 -39.23 -0.67 -18.40
N ARG B 127 -38.55 -1.75 -18.80
CA ARG B 127 -37.10 -1.86 -18.73
C ARG B 127 -36.54 -2.32 -20.05
N LEU B 128 -35.75 -1.48 -20.71
CA LEU B 128 -35.16 -1.79 -22.02
C LEU B 128 -33.65 -1.93 -21.98
N ARG B 129 -33.15 -3.06 -22.45
CA ARG B 129 -31.68 -3.24 -22.50
C ARG B 129 -31.20 -3.78 -23.86
N ILE B 130 -30.33 -3.03 -24.52
CA ILE B 130 -29.79 -3.48 -25.79
C ILE B 130 -28.28 -3.29 -25.84
N MET B 131 -27.56 -4.39 -25.91
CA MET B 131 -26.11 -4.30 -25.95
C MET B 131 -25.53 -5.07 -27.15
N GLY B 132 -24.52 -4.48 -27.79
CA GLY B 132 -23.71 -5.20 -28.75
C GLY B 132 -22.65 -4.31 -29.32
N ALA B 133 -21.54 -4.90 -29.72
CA ALA B 133 -20.44 -4.13 -30.22
C ALA B 133 -20.73 -3.53 -31.59
N ASP B 134 -21.80 -3.97 -32.27
CA ASP B 134 -22.19 -3.38 -33.58
C ASP B 134 -23.50 -2.60 -33.54
N VAL B 135 -24.08 -2.46 -32.37
CA VAL B 135 -25.26 -1.63 -32.22
C VAL B 135 -24.89 -0.15 -32.40
N THR B 136 -24.98 0.35 -33.62
CA THR B 136 -24.66 1.77 -33.83
C THR B 136 -25.90 2.62 -33.58
N SER B 137 -25.75 3.91 -33.48
CA SER B 137 -26.89 4.78 -33.15
C SER B 137 -28.03 4.83 -34.18
N ASP B 138 -27.72 4.69 -35.47
CA ASP B 138 -28.81 4.61 -36.44
C ASP B 138 -29.74 3.40 -36.22
N LYS B 139 -29.25 2.32 -35.64
CA LYS B 139 -30.06 1.11 -35.56
C LYS B 139 -31.14 1.22 -34.49
N ILE B 140 -31.11 2.27 -33.69
CA ILE B 140 -32.19 2.49 -32.73
C ILE B 140 -33.13 3.56 -33.27
N PRO B 141 -34.43 3.28 -33.32
CA PRO B 141 -35.40 4.32 -33.61
C PRO B 141 -35.48 5.35 -32.49
N ASN B 142 -36.21 6.45 -32.69
CA ASN B 142 -36.45 7.39 -31.62
C ASN B 142 -37.34 6.71 -30.60
N LEU B 143 -37.07 6.92 -29.31
CA LEU B 143 -37.79 6.20 -28.27
C LEU B 143 -38.93 6.93 -27.53
N SER B 144 -39.33 8.10 -28.05
CA SER B 144 -40.34 8.92 -27.39
C SER B 144 -41.70 8.26 -27.21
N GLY B 145 -41.92 7.18 -27.94
CA GLY B 145 -43.11 6.34 -27.75
C GLY B 145 -43.15 5.61 -26.41
N LEU B 146 -41.98 5.25 -25.89
CA LEU B 146 -41.86 4.38 -24.71
C LEU B 146 -42.23 5.07 -23.41
N THR B 147 -43.51 5.36 -23.28
CA THR B 147 -43.99 6.28 -22.26
C THR B 147 -44.01 5.71 -20.85
N ASN B 148 -43.77 4.40 -20.73
CA ASN B 148 -43.67 3.80 -19.39
C ASN B 148 -42.29 3.24 -19.08
N LEU B 149 -41.31 3.68 -19.85
CA LEU B 149 -39.99 3.17 -19.65
C LEU B 149 -39.31 3.90 -18.50
N THR B 150 -38.87 3.13 -17.51
CA THR B 150 -38.09 3.72 -16.43
C THR B 150 -36.58 3.43 -16.52
N LEU B 151 -36.16 2.31 -17.14
CA LEU B 151 -34.76 1.93 -17.19
C LEU B 151 -34.31 1.70 -18.62
N LEU B 152 -33.12 2.19 -18.97
CA LEU B 152 -32.56 2.12 -20.34
C LEU B 152 -31.08 1.84 -20.23
N ASP B 153 -30.63 0.74 -20.82
CA ASP B 153 -29.21 0.37 -20.81
C ASP B 153 -28.79 0.11 -22.23
N LEU B 154 -27.94 0.98 -22.78
CA LEU B 154 -27.39 0.81 -24.13
C LEU B 154 -25.91 0.64 -24.04
N SER B 155 -25.42 0.05 -22.96
CA SER B 155 -23.98 -0.07 -22.74
C SER B 155 -23.24 -0.97 -23.74
N HIS B 156 -21.91 -0.96 -23.64
CA HIS B 156 -21.07 -1.89 -24.43
C HIS B 156 -21.37 -1.85 -25.89
N SER B 157 -21.70 -0.69 -26.42
CA SER B 157 -22.15 -0.66 -27.80
C SER B 157 -21.37 0.34 -28.65
N ALA B 158 -21.96 0.83 -29.72
CA ALA B 158 -21.16 1.61 -30.65
C ALA B 158 -21.75 2.98 -30.91
N HIS B 159 -22.52 3.45 -29.93
CA HIS B 159 -23.28 4.69 -30.10
C HIS B 159 -22.45 5.93 -30.23
N ASP B 160 -22.95 6.90 -31.00
CA ASP B 160 -22.34 8.21 -30.97
C ASP B 160 -23.35 9.21 -30.42
N ASP B 161 -22.98 10.49 -30.45
CA ASP B 161 -23.80 11.55 -29.85
C ASP B 161 -25.18 11.69 -30.44
N SER B 162 -25.38 11.15 -31.65
CA SER B 162 -26.67 11.25 -32.29
C SER B 162 -27.72 10.38 -31.59
N ILE B 163 -27.34 9.67 -30.54
CA ILE B 163 -28.28 8.79 -29.88
C ILE B 163 -29.04 9.63 -28.88
N LEU B 164 -28.45 10.75 -28.50
CA LEU B 164 -28.96 11.45 -27.34
C LEU B 164 -30.31 12.05 -27.63
N THR B 165 -30.44 12.55 -28.85
CA THR B 165 -31.70 13.15 -29.30
C THR B 165 -32.75 12.11 -29.61
N LYS B 166 -32.37 10.84 -29.62
CA LYS B 166 -33.36 9.78 -29.67
C LYS B 166 -33.90 9.33 -28.30
N ILE B 167 -33.25 9.77 -27.24
CA ILE B 167 -33.57 9.25 -25.94
C ILE B 167 -33.90 10.34 -24.92
N ASN B 168 -33.76 11.60 -25.30
CA ASN B 168 -33.94 12.70 -24.35
C ASN B 168 -35.38 13.17 -24.27
N THR B 169 -36.26 12.40 -24.93
CA THR B 169 -37.68 12.70 -25.06
C THR B 169 -38.50 11.70 -24.24
N LEU B 170 -37.79 10.92 -23.44
CA LEU B 170 -38.40 9.85 -22.68
C LEU B 170 -38.93 10.38 -21.37
N PRO B 171 -40.22 10.19 -21.14
CA PRO B 171 -40.91 10.98 -20.13
C PRO B 171 -40.75 10.47 -18.71
N LYS B 172 -40.47 9.18 -18.54
CA LYS B 172 -40.40 8.62 -17.20
C LYS B 172 -39.12 7.85 -16.91
N VAL B 173 -38.13 7.90 -17.79
CA VAL B 173 -36.85 7.21 -17.58
C VAL B 173 -36.05 7.76 -16.40
N THR B 174 -35.81 6.89 -15.42
CA THR B 174 -35.08 7.30 -14.22
C THR B 174 -33.60 7.06 -14.38
N SER B 175 -33.21 6.02 -15.11
CA SER B 175 -31.77 5.71 -15.25
C SER B 175 -31.37 5.34 -16.66
N ILE B 176 -30.13 5.70 -16.99
CA ILE B 176 -29.54 5.37 -18.27
C ILE B 176 -28.10 4.91 -18.04
N ASP B 177 -27.73 3.87 -18.79
CA ASP B 177 -26.39 3.35 -18.77
C ASP B 177 -25.88 3.46 -20.20
N LEU B 178 -24.98 4.41 -20.43
CA LEU B 178 -24.32 4.47 -21.71
C LEU B 178 -22.84 4.08 -21.62
N SER B 179 -22.49 3.29 -20.60
CA SER B 179 -21.08 3.00 -20.40
C SER B 179 -20.57 2.12 -21.48
N TYR B 180 -19.24 2.13 -21.61
CA TYR B 180 -18.55 1.38 -22.65
C TYR B 180 -19.07 1.77 -24.03
N ASN B 181 -19.32 3.08 -24.23
CA ASN B 181 -19.52 3.64 -25.57
C ASN B 181 -18.49 4.75 -25.83
N GLY B 182 -17.39 4.43 -26.47
CA GLY B 182 -16.28 5.40 -26.53
C GLY B 182 -16.44 6.56 -27.50
N ALA B 183 -17.53 6.51 -28.25
CA ALA B 183 -17.83 7.49 -29.27
C ALA B 183 -18.82 8.50 -28.71
N ILE B 184 -19.32 8.26 -27.51
CA ILE B 184 -20.15 9.26 -26.86
C ILE B 184 -19.26 10.33 -26.27
N THR B 185 -19.42 11.58 -26.70
CA THR B 185 -18.48 12.61 -26.25
C THR B 185 -19.06 13.88 -25.59
N ASP B 186 -20.37 14.06 -25.63
CA ASP B 186 -20.99 15.24 -25.05
C ASP B 186 -22.37 14.92 -24.58
N ILE B 187 -22.53 14.72 -23.28
CA ILE B 187 -23.82 14.32 -22.73
C ILE B 187 -24.82 15.46 -22.47
N MET B 188 -24.46 16.71 -22.76
CA MET B 188 -25.32 17.83 -22.35
C MET B 188 -26.72 17.91 -22.93
N PRO B 189 -26.98 17.30 -24.13
CA PRO B 189 -28.40 17.31 -24.59
C PRO B 189 -29.35 16.57 -23.67
N LEU B 190 -28.85 15.62 -22.90
CA LEU B 190 -29.70 14.92 -21.95
C LEU B 190 -30.24 15.80 -20.83
N LYS B 191 -29.86 17.09 -20.79
CA LYS B 191 -30.29 18.03 -19.71
C LYS B 191 -31.80 18.20 -19.67
N THR B 192 -32.45 17.89 -20.77
CA THR B 192 -33.85 18.15 -20.88
C THR B 192 -34.74 17.03 -20.37
N MET B 193 -34.18 15.88 -20.05
CA MET B 193 -34.98 14.80 -19.48
C MET B 193 -35.57 15.13 -18.09
N PRO B 194 -36.90 14.92 -17.92
CA PRO B 194 -37.55 15.35 -16.69
C PRO B 194 -37.29 14.45 -15.48
N GLU B 195 -37.17 13.14 -15.66
CA GLU B 195 -37.08 12.26 -14.49
C GLU B 195 -35.75 11.54 -14.30
N LEU B 196 -34.75 11.87 -15.11
CA LEU B 196 -33.42 11.24 -15.04
C LEU B 196 -32.69 11.47 -13.73
N LYS B 197 -32.37 10.40 -13.02
CA LYS B 197 -31.67 10.46 -11.73
C LYS B 197 -30.23 9.96 -11.79
N SER B 198 -30.02 8.87 -12.50
CA SER B 198 -28.74 8.22 -12.50
C SER B 198 -28.25 8.06 -13.95
N LEU B 199 -26.96 8.34 -14.18
CA LEU B 199 -26.38 8.27 -15.50
C LEU B 199 -24.97 7.65 -15.46
N ASN B 200 -24.73 6.62 -16.28
CA ASN B 200 -23.45 5.92 -16.33
C ASN B 200 -22.79 6.12 -17.64
N ILE B 201 -21.65 6.77 -17.65
CA ILE B 201 -20.97 6.91 -18.93
C ILE B 201 -19.54 6.46 -18.80
N GLN B 202 -19.29 5.53 -17.88
CA GLN B 202 -17.92 5.01 -17.74
C GLN B 202 -17.29 4.54 -19.07
N PHE B 203 -16.08 4.97 -19.29
CA PHE B 203 -15.25 4.50 -20.39
C PHE B 203 -15.72 5.10 -21.68
N ASP B 204 -16.13 6.37 -21.59
CA ASP B 204 -16.83 7.00 -22.67
C ASP B 204 -16.28 8.20 -23.40
N GLY B 205 -15.13 8.72 -23.13
CA GLY B 205 -14.84 9.89 -24.00
C GLY B 205 -15.54 11.26 -23.87
N VAL B 206 -16.23 11.54 -22.78
CA VAL B 206 -16.67 12.90 -22.44
C VAL B 206 -15.57 13.77 -21.81
N HIS B 207 -15.43 15.03 -22.25
CA HIS B 207 -14.43 15.95 -21.69
C HIS B 207 -14.89 17.19 -20.99
N ASP B 208 -16.16 17.61 -21.15
CA ASP B 208 -16.61 18.90 -20.59
C ASP B 208 -17.85 18.72 -19.76
N TYR B 209 -17.75 18.95 -18.45
CA TYR B 209 -18.94 18.85 -17.57
C TYR B 209 -19.64 20.14 -17.19
N ARG B 210 -19.36 21.22 -17.90
CA ARG B 210 -20.09 22.45 -17.71
C ARG B 210 -21.48 22.36 -18.29
N GLY B 211 -22.45 22.65 -17.44
CA GLY B 211 -23.81 22.41 -17.79
C GLY B 211 -24.43 21.33 -16.94
N ILE B 212 -23.62 20.61 -16.19
CA ILE B 212 -24.16 19.50 -15.43
C ILE B 212 -25.33 19.92 -14.54
N GLU B 213 -25.35 21.18 -14.13
CA GLU B 213 -26.36 21.64 -13.23
C GLU B 213 -27.62 22.13 -13.91
N ASP B 214 -27.71 22.00 -15.22
CA ASP B 214 -29.01 22.18 -15.85
C ASP B 214 -29.85 20.93 -15.72
N PHE B 215 -29.24 19.79 -15.37
CA PHE B 215 -30.03 18.57 -15.20
C PHE B 215 -30.92 18.78 -14.00
N PRO B 216 -32.22 18.60 -14.17
CA PRO B 216 -33.30 18.82 -13.18
C PRO B 216 -33.27 17.88 -12.01
N LYS B 217 -33.07 16.58 -12.23
CA LYS B 217 -33.21 15.66 -11.14
C LYS B 217 -31.98 14.79 -10.92
N LEU B 218 -30.91 15.02 -11.69
CA LEU B 218 -29.73 14.13 -11.66
C LEU B 218 -28.97 14.13 -10.34
N ASN B 219 -28.77 12.97 -9.73
CA ASN B 219 -27.93 12.88 -8.52
C ASN B 219 -26.81 11.81 -8.56
N THR B 220 -26.80 10.99 -9.61
CA THR B 220 -25.66 10.13 -9.81
C THR B 220 -25.09 10.26 -11.19
N LEU B 221 -23.80 10.60 -11.26
CA LEU B 221 -23.02 10.55 -12.48
C LEU B 221 -21.89 9.60 -12.23
N LEU B 222 -21.78 8.57 -13.05
CA LEU B 222 -20.64 7.68 -13.02
C LEU B 222 -19.89 7.89 -14.29
N ALA B 223 -18.82 8.66 -14.22
CA ALA B 223 -18.17 9.05 -15.43
C ALA B 223 -16.71 8.84 -15.32
N TYR B 224 -16.26 7.90 -14.50
CA TYR B 224 -14.78 7.64 -14.44
C TYR B 224 -14.19 7.06 -15.73
N SER B 225 -12.91 7.29 -15.93
CA SER B 225 -12.09 6.68 -17.01
C SER B 225 -12.58 6.96 -18.39
N GLN B 226 -13.00 8.19 -18.67
CA GLN B 226 -13.26 8.55 -20.04
C GLN B 226 -11.97 8.41 -20.86
N THR B 227 -12.12 8.13 -22.15
CA THR B 227 -11.02 8.20 -23.10
C THR B 227 -11.32 9.23 -24.15
N ILE B 228 -11.01 10.47 -23.81
CA ILE B 228 -11.08 11.57 -24.74
C ILE B 228 -10.23 11.30 -25.99
N GLY B 229 -10.90 11.21 -27.12
CA GLY B 229 -10.25 11.01 -28.38
C GLY B 229 -10.00 9.57 -28.69
N GLY B 230 -10.62 8.66 -27.96
CA GLY B 230 -10.44 7.21 -28.18
C GLY B 230 -11.11 6.75 -29.45
N LYS B 231 -12.29 7.28 -29.71
CA LYS B 231 -13.03 6.85 -30.84
C LYS B 231 -13.25 7.96 -31.80
N LYS B 232 -13.75 9.08 -31.32
CA LYS B 232 -13.86 10.27 -32.16
C LYS B 232 -12.53 11.03 -32.07
N LEU B 233 -11.60 10.67 -32.96
CA LEU B 233 -10.23 11.15 -32.90
C LEU B 233 -10.07 12.68 -32.89
N ILE B 234 -8.99 13.18 -32.30
CA ILE B 234 -8.73 14.60 -32.29
C ILE B 234 -7.44 14.94 -33.03
N ASN B 235 -7.50 15.77 -34.07
CA ASN B 235 -6.28 16.21 -34.76
C ASN B 235 -6.19 17.70 -34.95
N SER B 236 -4.98 18.23 -34.85
CA SER B 236 -4.69 19.60 -35.17
C SER B 236 -3.55 19.66 -36.20
N ASP B 237 -3.70 20.51 -37.22
CA ASP B 237 -2.60 20.81 -38.11
C ASP B 237 -1.98 22.12 -37.55
N ILE B 238 -0.74 22.07 -37.08
CA ILE B 238 -0.17 23.26 -36.48
C ILE B 238 1.10 23.77 -37.17
N LYS B 239 1.28 25.09 -37.15
CA LYS B 239 2.51 25.68 -37.58
C LYS B 239 3.54 25.44 -36.51
N SER B 240 4.77 25.11 -36.91
CA SER B 240 5.85 24.86 -35.97
C SER B 240 6.10 26.05 -35.05
N SER B 241 5.58 27.21 -35.42
CA SER B 241 5.81 28.39 -34.59
C SER B 241 5.17 28.21 -33.21
N LYS B 242 4.14 27.36 -33.14
CA LYS B 242 3.40 27.07 -31.93
C LYS B 242 4.23 26.29 -30.91
N LEU B 243 5.26 25.62 -31.42
CA LEU B 243 6.22 24.88 -30.62
C LEU B 243 7.45 25.69 -30.33
N THR B 244 8.34 25.16 -29.50
CA THR B 244 9.53 25.93 -29.14
C THR B 244 10.76 25.08 -29.20
N TYR B 245 11.70 25.51 -30.04
CA TYR B 245 12.93 24.79 -30.13
C TYR B 245 14.02 25.65 -29.50
N ASN B 246 14.56 25.14 -28.38
CA ASN B 246 15.66 25.79 -27.69
C ASN B 246 17.01 25.17 -28.07
N ALA B 247 17.78 25.91 -28.86
CA ALA B 247 19.01 25.40 -29.43
C ALA B 247 20.15 25.41 -28.41
N GLU B 248 20.01 26.22 -27.37
CA GLU B 248 21.04 26.26 -26.36
C GLU B 248 20.97 25.02 -25.44
N ASN B 249 19.76 24.47 -25.28
CA ASN B 249 19.57 23.26 -24.48
C ASN B 249 19.33 22.02 -25.36
N GLN B 250 19.03 22.24 -26.63
CA GLN B 250 18.62 21.17 -27.54
C GLN B 250 17.37 20.46 -27.05
N THR B 251 16.34 21.23 -26.74
CA THR B 251 15.08 20.71 -26.20
C THR B 251 13.94 21.18 -27.07
N LEU B 252 12.91 20.34 -27.19
CA LEU B 252 11.67 20.72 -27.85
C LEU B 252 10.61 20.84 -26.77
N TYR B 253 9.83 21.92 -26.86
CA TYR B 253 8.79 22.19 -25.87
C TYR B 253 7.48 22.21 -26.55
N VAL B 254 6.51 21.54 -25.92
CA VAL B 254 5.20 21.46 -26.45
C VAL B 254 4.26 21.93 -25.37
N PRO B 255 3.66 23.10 -25.58
CA PRO B 255 2.75 23.76 -24.66
C PRO B 255 1.40 23.04 -24.54
N PHE B 256 0.96 22.79 -23.31
CA PHE B 256 -0.34 22.13 -23.10
C PHE B 256 -1.51 23.04 -23.45
N SER B 257 -1.21 24.23 -23.91
CA SER B 257 -2.26 25.04 -24.43
C SER B 257 -2.81 24.48 -25.75
N LEU B 258 -2.09 23.56 -26.39
CA LEU B 258 -2.60 23.00 -27.65
C LEU B 258 -3.64 21.90 -27.44
N MET B 259 -3.84 21.44 -26.20
CA MET B 259 -4.63 20.23 -25.93
C MET B 259 -6.02 20.65 -25.57
N THR B 260 -6.73 21.15 -26.57
CA THR B 260 -7.92 21.96 -26.38
C THR B 260 -9.17 21.18 -25.99
N GLU B 261 -9.16 19.86 -26.13
CA GLU B 261 -10.30 19.06 -25.68
C GLU B 261 -10.06 18.37 -24.36
N ARG B 262 -9.15 18.92 -23.56
CA ARG B 262 -8.86 18.36 -22.25
C ARG B 262 -10.09 18.54 -21.32
N THR B 263 -10.16 17.73 -20.26
CA THR B 263 -11.25 17.74 -19.30
C THR B 263 -11.36 19.11 -18.65
N VAL B 264 -12.58 19.59 -18.49
CA VAL B 264 -12.87 20.82 -17.73
C VAL B 264 -14.02 20.43 -16.81
N ASN B 265 -13.82 20.52 -15.51
CA ASN B 265 -14.88 20.25 -14.54
C ASN B 265 -16.02 21.28 -14.60
N TYR B 266 -17.16 21.00 -13.93
CA TYR B 266 -18.40 21.78 -14.11
C TYR B 266 -18.22 23.22 -13.65
N ASP B 267 -17.37 23.38 -12.63
CA ASP B 267 -17.05 24.68 -12.06
C ASP B 267 -15.95 25.43 -12.76
N GLY B 268 -15.49 24.95 -13.92
CA GLY B 268 -14.43 25.66 -14.65
C GLY B 268 -13.03 25.08 -14.46
N TYR B 269 -12.89 24.21 -13.47
CA TYR B 269 -11.58 23.71 -13.11
C TYR B 269 -10.93 22.88 -14.21
N VAL B 270 -9.66 23.19 -14.48
CA VAL B 270 -8.91 22.43 -15.47
C VAL B 270 -7.76 21.61 -14.86
N PRO B 271 -7.99 20.32 -14.69
CA PRO B 271 -7.01 19.44 -14.06
C PRO B 271 -5.81 19.27 -14.99
N ASP B 272 -4.67 18.90 -14.40
CA ASP B 272 -3.38 18.86 -15.08
C ASP B 272 -3.16 17.47 -15.59
N PHE B 273 -2.38 17.36 -16.66
CA PHE B 273 -1.90 16.07 -17.07
C PHE B 273 -0.91 15.54 -16.03
N VAL B 274 -0.92 14.25 -15.77
CA VAL B 274 0.08 13.66 -14.88
C VAL B 274 1.51 13.92 -15.36
N LYS B 275 2.47 13.77 -14.46
CA LYS B 275 3.85 14.12 -14.80
C LYS B 275 4.72 12.87 -14.87
N SER B 276 4.12 11.72 -14.68
CA SER B 276 4.84 10.51 -14.84
C SER B 276 5.27 10.33 -16.32
N THR B 277 6.49 9.84 -16.54
CA THR B 277 6.96 9.63 -17.89
C THR B 277 6.96 8.18 -18.23
N ALA B 278 6.34 7.36 -17.40
CA ALA B 278 6.14 5.94 -17.74
C ALA B 278 5.13 5.74 -18.88
N SER B 279 5.41 4.79 -19.76
CA SER B 279 4.52 4.41 -20.85
C SER B 279 3.03 4.29 -20.52
N SER B 280 2.66 3.88 -19.31
CA SER B 280 1.23 3.78 -18.95
C SER B 280 0.60 5.08 -18.63
N ASP B 281 1.42 6.11 -18.50
CA ASP B 281 0.96 7.41 -18.02
C ASP B 281 1.06 8.41 -19.13
N THR B 282 2.17 8.33 -19.85
CA THR B 282 2.40 9.17 -20.98
C THR B 282 2.94 8.35 -22.12
N TYR B 283 2.40 8.58 -23.30
CA TYR B 283 2.89 7.97 -24.50
C TYR B 283 3.06 9.08 -25.48
N PHE B 284 4.29 9.50 -25.71
CA PHE B 284 4.50 10.63 -26.58
C PHE B 284 5.28 10.23 -27.84
N THR B 285 4.78 10.70 -28.97
CA THR B 285 5.26 10.24 -30.25
C THR B 285 5.81 11.38 -31.12
N MET B 286 6.99 11.16 -31.71
CA MET B 286 7.52 12.07 -32.74
C MET B 286 7.70 11.36 -34.07
N ASN B 287 7.03 11.82 -35.11
CA ASN B 287 6.96 11.09 -36.38
C ASN B 287 6.64 9.60 -36.17
N GLU B 288 5.55 9.33 -35.48
CA GLU B 288 5.08 7.97 -35.13
C GLU B 288 6.06 7.06 -34.40
N GLN B 289 7.11 7.63 -33.82
CA GLN B 289 8.08 6.89 -33.05
C GLN B 289 7.92 7.29 -31.59
N GLN B 290 7.75 6.32 -30.70
CA GLN B 290 7.59 6.69 -29.31
C GLN B 290 8.90 7.20 -28.74
N VAL B 291 8.84 8.35 -28.12
CA VAL B 291 10.00 8.87 -27.45
C VAL B 291 10.08 8.18 -26.09
N ASN B 292 11.28 7.77 -25.72
CA ASN B 292 11.57 7.27 -24.40
C ASN B 292 11.24 8.24 -23.26
N GLY B 293 10.61 7.72 -22.20
CA GLY B 293 10.44 8.44 -20.96
C GLY B 293 11.68 9.18 -20.48
N ASN B 294 12.84 8.58 -20.70
CA ASN B 294 14.13 9.18 -20.30
C ASN B 294 14.38 10.51 -20.95
N ARG B 295 13.57 10.88 -21.92
CA ARG B 295 13.85 12.13 -22.58
C ARG B 295 12.85 13.20 -22.28
N LEU B 296 11.86 12.85 -21.47
CA LEU B 296 10.65 13.66 -21.28
C LEU B 296 10.58 14.37 -19.96
N THR B 297 10.20 15.64 -19.96
CA THR B 297 9.90 16.30 -18.68
C THR B 297 8.56 17.06 -18.75
N ILE B 298 7.69 16.80 -17.79
CA ILE B 298 6.30 17.24 -17.86
C ILE B 298 5.97 18.15 -16.70
N THR B 299 5.45 19.32 -17.05
CA THR B 299 5.09 20.32 -16.07
C THR B 299 3.63 20.66 -16.34
N SER B 300 3.08 21.58 -15.57
CA SER B 300 1.70 21.99 -15.73
C SER B 300 1.52 22.69 -17.04
N ASP B 301 2.62 23.13 -17.63
CA ASP B 301 2.56 23.99 -18.81
C ASP B 301 2.71 23.26 -20.10
N GLY B 302 3.46 22.17 -20.05
CA GLY B 302 3.78 21.41 -21.22
C GLY B 302 4.77 20.30 -21.01
N LEU B 303 5.15 19.74 -22.18
CA LEU B 303 6.06 18.61 -22.35
C LEU B 303 7.36 19.10 -22.96
N THR B 304 8.47 18.59 -22.47
CA THR B 304 9.80 18.96 -22.95
C THR B 304 10.58 17.72 -23.32
N VAL B 305 11.01 17.65 -24.59
CA VAL B 305 11.88 16.56 -25.04
C VAL B 305 13.29 17.09 -25.05
N SER B 306 14.16 16.33 -24.41
CA SER B 306 15.58 16.63 -24.39
C SER B 306 16.33 15.88 -25.52
N ASP B 307 17.60 16.28 -25.80
CA ASP B 307 18.42 15.69 -26.88
C ASP B 307 17.78 15.85 -28.28
N VAL B 308 17.29 17.04 -28.57
CA VAL B 308 16.66 17.30 -29.85
C VAL B 308 17.51 18.25 -30.66
N SER B 309 17.91 17.80 -31.86
CA SER B 309 18.75 18.61 -32.72
C SER B 309 17.89 19.54 -33.59
N LYS B 310 18.52 20.56 -34.15
CA LYS B 310 17.85 21.41 -35.10
C LYS B 310 17.30 20.60 -36.30
N THR B 311 18.07 19.66 -36.84
CA THR B 311 17.56 18.86 -37.96
C THR B 311 16.41 17.99 -37.52
N ASP B 312 16.50 17.42 -36.31
CA ASP B 312 15.37 16.70 -35.69
C ASP B 312 14.08 17.52 -35.71
N PHE B 313 14.19 18.74 -35.23
CA PHE B 313 13.06 19.61 -35.21
C PHE B 313 12.57 19.94 -36.63
N ASP B 314 13.48 20.23 -37.56
CA ASP B 314 13.09 20.59 -38.92
C ASP B 314 12.31 19.46 -39.62
N ASN B 315 12.71 18.22 -39.33
CA ASN B 315 12.01 17.08 -39.89
C ASN B 315 10.77 16.62 -39.12
N LEU B 316 10.37 17.35 -38.09
CA LEU B 316 9.18 16.99 -37.33
C LEU B 316 7.90 17.18 -38.15
N GLU B 317 7.30 16.06 -38.51
CA GLU B 317 6.07 16.11 -39.26
C GLU B 317 4.79 15.82 -38.46
N LYS B 318 4.90 14.92 -37.49
CA LYS B 318 3.75 14.47 -36.72
C LYS B 318 4.08 14.27 -35.25
N MET B 319 3.14 14.64 -34.39
CA MET B 319 3.25 14.23 -33.01
C MET B 319 1.98 13.57 -32.59
N GLU B 320 2.07 12.71 -31.57
CA GLU B 320 0.90 12.21 -30.84
C GLU B 320 1.10 12.34 -29.33
N TYR B 321 0.13 12.91 -28.63
CA TYR B 321 0.26 13.03 -27.19
C TYR B 321 -0.87 12.30 -26.53
N ASN B 322 -0.53 11.26 -25.79
CA ASN B 322 -1.51 10.38 -25.20
C ASN B 322 -1.15 10.21 -23.76
N ALA B 323 -1.98 10.69 -22.82
CA ALA B 323 -1.60 10.82 -21.40
C ALA B 323 -2.76 10.87 -20.42
N ARG B 324 -2.51 10.56 -19.15
CA ARG B 324 -3.59 10.53 -18.18
C ARG B 324 -3.74 11.90 -17.60
N ILE B 325 -4.90 12.17 -17.04
CA ILE B 325 -5.15 13.44 -16.48
C ILE B 325 -5.22 13.29 -14.97
N ASP B 326 -4.57 14.18 -14.24
CA ASP B 326 -4.55 14.09 -12.79
C ASP B 326 -5.85 14.56 -12.11
N LEU B 327 -6.73 13.62 -11.85
CA LEU B 327 -8.06 13.93 -11.35
C LEU B 327 -8.45 12.75 -10.45
N SER B 328 -8.19 12.83 -9.13
CA SER B 328 -8.33 11.65 -8.26
C SER B 328 -9.40 11.79 -7.21
N TYR B 329 -9.57 10.72 -6.43
CA TYR B 329 -10.44 10.69 -5.25
C TYR B 329 -10.46 12.06 -4.61
N GLN B 330 -11.65 12.59 -4.40
CA GLN B 330 -11.79 13.77 -3.57
C GLN B 330 -10.80 14.90 -3.92
N SER B 331 -10.56 15.15 -5.20
CA SER B 331 -9.63 16.20 -5.55
C SER B 331 -10.19 17.22 -6.55
N TYR B 332 -11.51 17.27 -6.65
CA TYR B 332 -12.19 18.28 -7.44
C TYR B 332 -13.53 18.57 -6.73
N ASN B 333 -14.18 19.68 -7.06
CA ASN B 333 -15.55 19.87 -6.56
C ASN B 333 -16.59 18.99 -7.23
N THR B 334 -17.59 18.59 -6.45
CA THR B 334 -18.78 17.95 -6.98
C THR B 334 -19.91 18.94 -6.80
N PRO B 335 -20.82 19.05 -7.78
CA PRO B 335 -21.96 20.00 -7.60
C PRO B 335 -22.91 19.55 -6.50
N GLU B 336 -23.83 20.42 -6.05
CA GLU B 336 -24.69 20.07 -4.89
C GLU B 336 -25.70 18.95 -5.12
N GLN B 337 -26.29 18.85 -6.31
CA GLN B 337 -27.27 17.78 -6.55
C GLN B 337 -26.71 16.39 -6.29
N PHE B 338 -25.41 16.26 -6.13
CA PHE B 338 -24.83 14.95 -5.95
C PHE B 338 -24.38 14.76 -4.51
N GLN B 339 -24.48 15.81 -3.71
CA GLN B 339 -24.14 15.75 -2.27
C GLN B 339 -25.24 15.27 -1.26
N ASN B 340 -26.44 14.97 -1.73
CA ASN B 340 -27.48 14.50 -0.80
C ASN B 340 -27.46 12.95 -0.65
N GLY B 341 -26.27 12.35 -0.69
CA GLY B 341 -26.11 10.90 -0.76
C GLY B 341 -26.16 10.31 -2.16
N GLY B 342 -25.88 11.13 -3.18
CA GLY B 342 -25.65 10.65 -4.54
C GLY B 342 -24.15 10.52 -4.76
N SER B 343 -23.67 10.68 -5.99
CA SER B 343 -22.23 10.63 -6.24
C SER B 343 -21.94 11.16 -7.62
N TYR B 344 -20.80 11.79 -7.76
CA TYR B 344 -20.39 12.41 -8.97
C TYR B 344 -18.94 12.09 -9.12
N THR B 345 -18.61 11.05 -9.87
CA THR B 345 -17.20 10.76 -10.00
C THR B 345 -16.81 10.89 -11.47
N ILE B 346 -15.80 11.71 -11.74
CA ILE B 346 -15.45 12.05 -13.12
C ILE B 346 -13.96 11.84 -13.28
N SER B 347 -13.46 10.94 -12.45
CA SER B 347 -12.06 10.88 -12.19
C SER B 347 -11.24 10.06 -13.17
N MET B 348 -9.94 10.30 -13.11
CA MET B 348 -8.86 9.66 -13.86
C MET B 348 -9.07 9.46 -15.33
N PRO B 349 -9.38 10.53 -16.11
CA PRO B 349 -9.60 10.29 -17.53
C PRO B 349 -8.31 10.19 -18.34
N ILE B 350 -8.43 9.76 -19.61
CA ILE B 350 -7.30 9.67 -20.54
C ILE B 350 -7.54 10.50 -21.79
N TYR B 351 -6.47 11.16 -22.25
CA TYR B 351 -6.51 12.11 -23.34
C TYR B 351 -5.61 11.62 -24.49
N ASP B 352 -6.08 11.75 -25.74
CA ASP B 352 -5.26 11.33 -26.88
C ASP B 352 -5.49 12.26 -28.04
N HIS B 353 -4.43 12.92 -28.51
CA HIS B 353 -4.52 14.07 -29.43
C HIS B 353 -3.42 14.01 -30.47
N TYR B 354 -3.79 14.05 -31.76
CA TYR B 354 -2.84 13.92 -32.88
C TYR B 354 -2.44 15.24 -33.48
N PHE B 355 -1.22 15.32 -33.97
CA PHE B 355 -0.70 16.57 -34.48
C PHE B 355 0.01 16.35 -35.79
N THR B 356 -0.18 17.32 -36.67
CA THR B 356 0.47 17.34 -37.96
C THR B 356 1.20 18.70 -38.02
N VAL B 357 2.51 18.72 -38.28
CA VAL B 357 3.29 19.96 -38.03
C VAL B 357 3.78 20.57 -39.32
N ASP B 358 3.54 21.86 -39.49
CA ASP B 358 3.87 22.55 -40.75
C ASP B 358 4.98 23.58 -40.53
N HIS B 359 6.06 23.47 -41.31
CA HIS B 359 7.19 24.38 -41.12
C HIS B 359 7.17 25.52 -42.09
N SER B 360 6.13 25.59 -42.90
CA SER B 360 6.13 26.55 -43.98
C SER B 360 5.62 27.85 -43.44
N LEU B 361 6.16 28.94 -43.97
CA LEU B 361 5.61 30.30 -43.82
C LEU B 361 5.14 30.77 -45.19
N ASN B 362 3.85 30.99 -45.36
CA ASN B 362 3.33 31.35 -46.68
C ASN B 362 2.59 32.69 -46.68
N ILE B 363 2.59 33.36 -47.82
CA ILE B 363 2.15 34.72 -47.90
C ILE B 363 1.12 34.78 -49.02
N THR B 364 -0.07 35.23 -48.68
CA THR B 364 -1.22 35.12 -49.54
C THR B 364 -1.73 36.52 -49.84
N ALA B 365 -2.02 36.81 -51.10
CA ALA B 365 -2.23 38.20 -51.54
C ALA B 365 -3.11 38.28 -52.78
N ASP B 366 -3.30 39.49 -53.31
CA ASP B 366 -3.80 39.64 -54.68
C ASP B 366 -2.61 39.69 -55.62
N SER B 367 -2.90 39.74 -56.91
CA SER B 367 -1.85 39.81 -57.89
C SER B 367 -2.00 41.09 -58.68
N GLU B 368 -2.96 41.92 -58.26
CA GLU B 368 -3.31 43.12 -59.00
C GLU B 368 -3.97 44.21 -58.17
N LYS B 369 -3.42 45.41 -58.27
CA LYS B 369 -4.12 46.60 -57.78
C LYS B 369 -4.01 47.74 -58.81
N THR B 370 -5.08 48.52 -58.93
CA THR B 370 -5.02 49.71 -59.76
C THR B 370 -5.25 50.98 -58.95
N TYR B 371 -4.40 52.00 -59.20
CA TYR B 371 -4.58 53.34 -58.64
C TYR B 371 -4.82 54.37 -59.74
N ILE B 372 -6.06 54.85 -59.74
CA ILE B 372 -6.66 55.66 -60.82
C ILE B 372 -6.08 57.09 -60.88
N GLU B 373 -4.98 57.34 -60.16
CA GLU B 373 -4.65 58.71 -59.80
C GLU B 373 -3.18 59.10 -59.64
N ASN B 374 -3.02 60.36 -59.23
CA ASN B 374 -1.83 60.88 -58.60
C ASN B 374 -2.19 61.09 -57.11
N GLN B 375 -2.50 59.99 -56.44
CA GLN B 375 -2.80 60.02 -55.00
C GLN B 375 -1.82 59.14 -54.25
N LEU B 376 -0.91 59.78 -53.52
CA LEU B 376 0.02 59.07 -52.65
C LEU B 376 -0.75 58.38 -51.51
N VAL B 377 -0.66 57.04 -51.50
CA VAL B 377 -1.36 56.17 -50.55
C VAL B 377 -0.37 55.70 -49.50
N THR B 378 -0.92 55.13 -48.44
CA THR B 378 -0.12 54.60 -47.35
C THR B 378 -0.16 53.06 -47.41
N GLU B 379 0.95 52.43 -47.03
CA GLU B 379 1.18 50.97 -47.18
C GLU B 379 0.05 50.12 -46.59
N ALA B 380 -0.31 50.42 -45.34
CA ALA B 380 -1.31 49.68 -44.59
C ALA B 380 -2.72 49.65 -45.21
N THR B 381 -2.99 50.58 -46.14
CA THR B 381 -4.21 50.50 -46.95
C THR B 381 -3.97 49.52 -48.08
N PHE B 382 -2.84 49.72 -48.77
CA PHE B 382 -2.45 48.90 -49.90
C PHE B 382 -2.48 47.43 -49.52
N LEU B 383 -1.89 47.15 -48.36
CA LEU B 383 -1.88 45.80 -47.83
C LEU B 383 -3.29 45.35 -47.55
N SER B 384 -4.12 46.26 -47.05
CA SER B 384 -5.47 45.88 -46.66
C SER B 384 -6.37 45.61 -47.87
N ASP B 385 -6.23 46.42 -48.91
CA ASP B 385 -7.08 46.22 -50.10
C ASP B 385 -6.46 45.24 -51.09
N ILE B 386 -5.32 44.68 -50.71
CA ILE B 386 -4.71 43.59 -51.45
C ILE B 386 -4.94 42.29 -50.66
N HIS B 387 -5.44 42.44 -49.43
CA HIS B 387 -5.78 41.32 -48.55
C HIS B 387 -4.58 40.45 -48.23
N ALA B 388 -3.42 41.11 -48.06
CA ALA B 388 -2.18 40.44 -47.69
C ALA B 388 -2.30 39.82 -46.30
N LYS B 389 -2.11 38.51 -46.21
CA LYS B 389 -2.17 37.78 -44.94
C LYS B 389 -0.97 36.85 -44.90
N THR B 390 -0.83 36.12 -43.80
CA THR B 390 0.15 35.06 -43.65
C THR B 390 -0.50 33.92 -42.89
N ASP B 391 0.13 32.76 -42.98
CA ASP B 391 -0.35 31.53 -42.38
C ASP B 391 -0.43 31.48 -40.89
N ASP B 392 0.45 32.18 -40.20
CA ASP B 392 0.39 32.17 -38.74
C ASP B 392 0.29 33.59 -38.19
N GLY B 393 -0.24 34.51 -38.99
CA GLY B 393 -0.32 35.92 -38.62
C GLY B 393 0.99 36.60 -38.23
N SER B 394 2.05 36.41 -39.02
CA SER B 394 3.27 37.21 -38.90
C SER B 394 3.00 38.44 -39.70
N THR B 395 3.64 39.56 -39.36
CA THR B 395 3.43 40.82 -40.10
C THR B 395 4.02 40.85 -41.52
N VAL B 396 3.20 41.32 -42.45
CA VAL B 396 3.58 41.39 -43.85
C VAL B 396 4.27 42.71 -44.18
N THR B 397 5.45 42.63 -44.77
CA THR B 397 6.15 43.85 -45.16
C THR B 397 6.29 44.02 -46.68
N SER B 398 6.74 45.19 -47.08
CA SER B 398 6.70 45.60 -48.47
C SER B 398 7.97 46.30 -48.94
N ASP B 399 8.12 46.40 -50.26
CA ASP B 399 9.12 47.28 -50.89
C ASP B 399 8.46 48.16 -51.95
N PHE B 400 7.37 47.64 -52.53
CA PHE B 400 6.76 48.20 -53.72
C PHE B 400 6.20 49.62 -53.55
N ALA B 401 5.98 50.04 -52.30
CA ALA B 401 5.46 51.39 -52.03
C ALA B 401 6.49 52.44 -52.48
N ASP B 402 7.69 52.37 -51.91
CA ASP B 402 8.81 53.19 -52.35
C ASP B 402 9.25 52.82 -53.78
N LYS B 403 8.77 51.68 -54.28
CA LYS B 403 9.12 51.18 -55.62
C LYS B 403 8.09 51.56 -56.72
N VAL B 404 7.09 52.37 -56.38
CA VAL B 404 6.03 52.74 -57.36
C VAL B 404 5.92 54.24 -57.60
N ASP B 405 5.46 54.62 -58.80
CA ASP B 405 5.18 56.02 -59.11
C ASP B 405 3.70 56.34 -58.90
N PHE B 406 3.40 57.59 -58.62
CA PHE B 406 2.01 58.03 -58.47
C PHE B 406 1.69 58.99 -59.59
N ASN B 407 2.55 59.01 -60.60
CA ASN B 407 2.49 59.98 -61.66
C ASN B 407 2.79 59.26 -62.93
N THR B 408 4.04 58.92 -63.11
CA THR B 408 4.36 57.99 -64.14
C THR B 408 3.15 57.08 -64.08
N PRO B 409 2.53 56.81 -65.22
CA PRO B 409 1.29 56.03 -65.22
C PRO B 409 1.56 54.61 -65.64
N GLY B 410 2.71 54.09 -65.26
CA GLY B 410 3.06 52.74 -65.64
C GLY B 410 2.62 51.69 -64.66
N THR B 411 3.36 50.59 -64.68
CA THR B 411 3.10 49.43 -63.84
C THR B 411 4.39 49.13 -63.11
N TYR B 412 4.27 48.84 -61.82
CA TYR B 412 5.43 48.49 -60.99
C TYR B 412 5.15 47.17 -60.27
N THR B 413 6.14 46.29 -60.22
CA THR B 413 5.99 45.05 -59.46
C THR B 413 6.51 45.23 -58.02
N VAL B 414 5.61 44.98 -57.06
CA VAL B 414 5.88 45.05 -55.63
C VAL B 414 6.16 43.64 -55.14
N THR B 415 7.23 43.51 -54.34
CA THR B 415 7.54 42.25 -53.68
C THR B 415 7.09 42.32 -52.20
N LEU B 416 6.42 41.25 -51.73
CA LEU B 416 6.00 41.15 -50.34
C LEU B 416 6.92 40.25 -49.53
N GLN B 417 7.11 40.62 -48.26
CA GLN B 417 8.00 39.89 -47.34
C GLN B 417 7.31 39.52 -46.02
N SER B 418 7.89 38.56 -45.32
CA SER B 418 7.38 38.10 -44.00
C SER B 418 8.34 37.18 -43.26
N GLU B 419 8.37 37.33 -41.93
CA GLU B 419 9.25 36.55 -41.06
C GLU B 419 8.53 36.28 -39.73
N ASN B 420 8.81 35.15 -39.10
CA ASN B 420 8.20 34.88 -37.83
C ASN B 420 9.19 34.91 -36.71
N ASN B 421 8.72 35.08 -35.51
CA ASN B 421 9.69 35.20 -34.48
C ASN B 421 10.77 34.14 -34.68
N ALA B 422 10.39 32.96 -35.17
CA ALA B 422 11.33 31.85 -35.28
C ALA B 422 12.41 32.13 -36.30
N GLY B 423 12.30 33.27 -36.98
CA GLY B 423 13.28 33.65 -37.99
C GLY B 423 13.12 33.00 -39.34
N LEU B 424 11.94 32.46 -39.62
CA LEU B 424 11.68 31.87 -40.93
C LEU B 424 11.31 32.94 -41.90
N LYS B 425 11.22 32.57 -43.17
CA LYS B 425 10.86 33.54 -44.16
C LYS B 425 9.96 32.81 -45.12
N ALA B 426 9.13 33.57 -45.82
CA ALA B 426 8.23 32.97 -46.80
C ALA B 426 8.82 33.31 -48.14
N THR B 427 8.64 32.42 -49.10
CA THR B 427 8.99 32.80 -50.46
C THR B 427 8.24 34.12 -50.73
N PRO B 428 8.95 35.15 -51.25
CA PRO B 428 8.31 36.45 -51.52
C PRO B 428 7.21 36.37 -52.58
N VAL B 429 6.23 37.27 -52.47
CA VAL B 429 5.07 37.29 -53.38
C VAL B 429 5.01 38.62 -54.13
N GLN B 430 4.60 38.56 -55.40
CA GLN B 430 4.60 39.70 -56.33
C GLN B 430 3.19 40.25 -56.57
N VAL B 431 3.03 41.58 -56.55
CA VAL B 431 1.77 42.20 -56.95
C VAL B 431 1.93 43.22 -58.05
N ASN B 432 1.19 43.01 -59.15
CA ASN B 432 1.08 43.99 -60.22
C ASN B 432 0.18 45.11 -59.78
N VAL B 433 0.79 46.24 -59.41
CA VAL B 433 0.09 47.49 -59.19
C VAL B 433 0.19 48.35 -60.46
N THR B 434 -0.95 48.82 -60.94
CA THR B 434 -1.00 49.74 -62.08
C THR B 434 -1.47 51.13 -61.63
N ILE B 435 -0.76 52.15 -62.09
CA ILE B 435 -1.05 53.52 -61.67
C ILE B 435 -1.40 54.38 -62.87
N LYS B 436 -2.70 54.50 -63.15
CA LYS B 436 -3.18 55.29 -64.27
C LYS B 436 -3.90 56.54 -63.80
N ALA B 437 -3.91 57.55 -64.68
CA ALA B 437 -4.68 58.79 -64.53
C ALA B 437 -6.05 58.59 -65.18
N LYS B 438 -7.10 59.09 -64.54
CA LYS B 438 -8.45 58.86 -65.04
C LYS B 438 -8.88 59.88 -66.11
N THR B 439 -7.92 60.48 -66.79
CA THR B 439 -8.25 61.25 -67.97
C THR B 439 -7.05 61.50 -68.87
N THR B 440 -7.08 60.87 -70.03
CA THR B 440 -5.99 60.91 -70.98
C THR B 440 -6.35 60.23 -72.28
MG MG C . -15.70 1.21 3.14
MG MG D . 10.86 0.87 1.84
NA NA E . -2.07 18.93 16.68
MG MG F . -19.21 -0.34 -35.01
C1 GOL G . 18.87 13.68 -31.98
O1 GOL G . 19.73 13.69 -30.84
C2 GOL G . 18.69 12.24 -32.47
O2 GOL G . 19.96 11.56 -32.32
C3 GOL G . 17.54 11.44 -31.81
O3 GOL G . 17.82 11.36 -30.41
K K H . -25.30 -2.33 -16.84
#